data_9QTP
#
_entry.id   9QTP
#
_cell.length_a   1.00
_cell.length_b   1.00
_cell.length_c   1.00
_cell.angle_alpha   90.00
_cell.angle_beta   90.00
_cell.angle_gamma   90.00
#
_symmetry.space_group_name_H-M   'P 1'
#
loop_
_entity.id
_entity.type
_entity.pdbx_description
1 polymer 'Tetrahydromethanopterin S-methyltransferase subunit B'
2 polymer 'Tetrahydromethanopterin S-methyltransferase subunit F'
3 polymer 'Tetrahydromethanopterin S-methyltransferase subunit H'
#
loop_
_entity_poly.entity_id
_entity_poly.type
_entity_poly.pdbx_seq_one_letter_code
_entity_poly.pdbx_strand_id
1 'polypeptide(L)'
;MSIVRIAPEINLVMDTESGTVTQERKDSIQYSMEPVFERVDKLDAIADDLVNSLSPSKPLLNTWPGRENTSYIAGIYSNS
FYGIIVGLAFSGLLALIIYITRLMGGVV
;
E
2 'polypeptide(L)' MAEEHEKGVPMVLAPQMGAIDATVESIRYRAQLIARNQKLDSGVAATGIIGFAAGFLFSLLMVIVLPVAVGL P
3 'polypeptide(L)'
;MFKFDKKQEVFELGGVKFGGQPGENPTVLVSTMFYARHKIVTDEDKGIFDRAAAETLWNTQVSLSDATGLPYVNQIVGET
PESIKRYIEWFVGIDDRTPFLIDSSAGNVRAAAAQYCTEIGVADRAIHNSINASIEQSEIDVLTESDVSAAIVLAFNATD
PTVKGKIDILEVGGSGQTKGMLQVAKECGIKYPIIDVAAMPLGAGSGATIRSVPTLKGKFGLPIGGGYHNMASAWDWLRK
FKKTQPDPKAIYMPTDIGTNLVAQIAGSDYLLYGPIENVNQIFPAVAMVDIMLGETAKELGVEIADLENHPVTKLT
;
o,p
#
# COMPACT_ATOMS: atom_id res chain seq x y z
N MET A 1 -5.79 7.17 21.55
CA MET A 1 -6.47 5.94 21.96
C MET A 1 -7.66 5.66 21.06
N SER A 2 -7.58 4.59 20.28
CA SER A 2 -8.65 4.23 19.36
C SER A 2 -8.65 2.72 19.16
N ILE A 3 -9.81 2.11 19.37
CA ILE A 3 -9.95 0.66 19.19
C ILE A 3 -10.37 0.45 17.74
N VAL A 4 -9.38 0.43 16.85
CA VAL A 4 -9.62 0.32 15.42
C VAL A 4 -10.00 -1.11 15.08
N ARG A 5 -11.23 -1.31 14.62
CA ARG A 5 -11.73 -2.65 14.32
C ARG A 5 -11.22 -3.13 12.97
N ILE A 6 -10.66 -4.33 12.93
CA ILE A 6 -10.18 -4.89 11.66
C ILE A 6 -10.72 -6.29 11.46
N ALA A 7 -11.25 -6.91 12.52
CA ALA A 7 -11.81 -8.24 12.40
C ALA A 7 -12.75 -8.56 13.55
N PRO A 8 -14.01 -8.11 13.49
CA PRO A 8 -14.97 -8.48 14.54
C PRO A 8 -15.21 -9.97 14.65
N GLU A 9 -14.93 -10.74 13.61
CA GLU A 9 -15.19 -12.18 13.63
C GLU A 9 -14.32 -12.87 14.67
N ILE A 10 -13.00 -12.73 14.55
CA ILE A 10 -12.06 -13.32 15.50
C ILE A 10 -11.81 -12.34 16.63
N ASN A 11 -12.61 -11.27 16.67
CA ASN A 11 -12.57 -10.22 17.70
C ASN A 11 -11.29 -9.40 17.64
N LEU A 12 -10.45 -9.62 16.64
CA LEU A 12 -9.19 -8.89 16.52
C LEU A 12 -9.45 -7.40 16.39
N VAL A 13 -8.49 -6.59 16.82
CA VAL A 13 -8.67 -5.15 16.90
C VAL A 13 -7.31 -4.50 17.06
N MET A 14 -7.16 -3.26 16.61
CA MET A 14 -5.93 -2.52 16.79
C MET A 14 -5.97 -1.76 18.11
N ASP A 15 -4.80 -1.23 18.50
CA ASP A 15 -4.69 -0.41 19.71
C ASP A 15 -3.72 0.72 19.38
N THR A 16 -4.28 1.89 19.07
CA THR A 16 -3.49 2.94 18.46
C THR A 16 -2.50 3.60 19.42
N GLU A 17 -2.74 3.52 20.73
CA GLU A 17 -1.78 4.09 21.67
C GLU A 17 -0.51 3.28 21.78
N SER A 18 -0.61 1.95 21.68
CA SER A 18 0.56 1.09 21.72
C SER A 18 0.97 0.58 20.35
N GLY A 19 0.09 0.65 19.36
CA GLY A 19 0.39 0.14 18.03
C GLY A 19 0.14 -1.34 17.86
N THR A 20 -0.26 -2.04 18.92
CA THR A 20 -0.44 -3.48 18.87
C THR A 20 -1.70 -3.84 18.10
N VAL A 21 -1.70 -5.05 17.53
CA VAL A 21 -2.91 -5.64 16.99
C VAL A 21 -3.34 -6.77 17.91
N THR A 22 -4.18 -6.44 18.89
CA THR A 22 -4.56 -7.35 19.95
C THR A 22 -5.93 -7.96 19.67
N GLN A 23 -6.46 -8.68 20.65
CA GLN A 23 -7.77 -9.30 20.56
C GLN A 23 -8.60 -8.87 21.76
N GLU A 24 -9.61 -8.05 21.53
CA GLU A 24 -10.47 -7.55 22.59
C GLU A 24 -10.99 -8.68 23.47
N ARG A 25 -10.71 -8.60 24.76
CA ARG A 25 -11.18 -9.61 25.69
C ARG A 25 -12.63 -9.32 26.06
N LYS A 26 -13.47 -10.34 25.96
CA LYS A 26 -14.85 -10.24 26.43
C LYS A 26 -14.93 -10.14 27.95
N ASP A 27 -13.84 -10.45 28.66
CA ASP A 27 -13.81 -10.35 30.11
C ASP A 27 -13.51 -8.93 30.56
N HIS B 5 -1.39 -15.73 28.72
CA HIS B 5 -1.01 -15.75 27.31
C HIS B 5 -0.77 -14.34 26.80
N GLU B 6 -0.96 -14.15 25.49
CA GLU B 6 -0.90 -12.83 24.88
C GLU B 6 -2.31 -12.23 24.93
N LYS B 7 -2.55 -11.43 25.97
CA LYS B 7 -3.87 -10.87 26.20
C LYS B 7 -4.11 -9.71 25.26
N GLY B 8 -5.16 -8.95 25.50
CA GLY B 8 -5.49 -7.84 24.62
C GLY B 8 -6.16 -6.73 25.36
N VAL B 9 -6.61 -5.74 24.60
CA VAL B 9 -7.25 -4.55 25.14
C VAL B 9 -8.56 -4.97 25.80
N PRO B 10 -9.00 -4.29 26.85
CA PRO B 10 -10.32 -4.58 27.42
C PRO B 10 -11.42 -3.91 26.58
N MET B 11 -12.64 -4.35 26.82
CA MET B 11 -13.77 -3.95 25.99
C MET B 11 -14.24 -2.58 26.45
N VAL B 12 -13.91 -1.56 25.66
CA VAL B 12 -14.28 -0.18 25.97
C VAL B 12 -15.76 0.00 25.72
N LEU B 13 -16.55 0.06 26.79
CA LEU B 13 -17.98 0.30 26.72
C LEU B 13 -18.30 1.66 27.34
N ALA B 14 -19.58 1.94 27.54
CA ALA B 14 -20.05 3.18 28.11
C ALA B 14 -21.12 2.86 29.14
N PRO B 15 -21.09 3.51 30.31
CA PRO B 15 -21.97 3.29 31.46
C PRO B 15 -23.43 2.99 31.10
N MET C 1 2.91 -0.97 9.89
CA MET C 1 2.57 0.17 10.72
C MET C 1 2.04 -0.27 12.08
N PHE C 2 2.14 -1.57 12.35
CA PHE C 2 1.68 -2.10 13.63
C PHE C 2 2.48 -3.34 13.99
N LYS C 3 2.46 -3.68 15.27
CA LYS C 3 3.04 -4.91 15.77
C LYS C 3 1.92 -5.85 16.19
N PHE C 4 2.20 -7.15 16.13
CA PHE C 4 1.22 -8.17 16.44
C PHE C 4 1.48 -8.74 17.82
N ASP C 5 0.40 -8.93 18.59
CA ASP C 5 0.56 -9.51 19.92
C ASP C 5 0.82 -11.01 19.83
N LYS C 6 0.12 -11.71 18.95
CA LYS C 6 0.28 -13.15 18.84
C LYS C 6 1.68 -13.47 18.34
N LYS C 7 2.43 -14.25 19.12
CA LYS C 7 3.84 -14.50 18.85
C LYS C 7 4.04 -15.10 17.47
N GLN C 8 4.66 -14.34 16.58
CA GLN C 8 4.79 -14.73 15.18
C GLN C 8 5.93 -15.72 15.01
N GLU C 9 5.66 -16.83 14.33
CA GLU C 9 6.67 -17.82 14.05
C GLU C 9 7.48 -17.43 12.83
N VAL C 10 8.79 -17.64 12.90
CA VAL C 10 9.69 -17.33 11.79
C VAL C 10 10.34 -18.64 11.34
N PHE C 11 10.19 -18.96 10.06
CA PHE C 11 10.69 -20.20 9.48
C PHE C 11 11.87 -19.89 8.58
N GLU C 12 13.03 -20.45 8.89
CA GLU C 12 14.26 -20.21 8.13
C GLU C 12 14.43 -21.36 7.14
N LEU C 13 13.95 -21.15 5.91
CA LEU C 13 14.08 -22.13 4.84
C LEU C 13 15.21 -21.69 3.92
N GLY C 14 16.31 -22.45 3.94
CA GLY C 14 17.40 -22.21 3.02
C GLY C 14 17.99 -20.81 3.06
N GLY C 15 18.24 -20.30 4.27
CA GLY C 15 18.81 -18.98 4.41
C GLY C 15 17.84 -17.84 4.28
N VAL C 16 16.54 -18.12 4.12
CA VAL C 16 15.51 -17.11 4.00
C VAL C 16 14.55 -17.28 5.18
N LYS C 17 14.20 -16.17 5.82
CA LYS C 17 13.36 -16.18 7.01
C LYS C 17 11.94 -15.78 6.64
N PHE C 18 11.00 -16.73 6.75
CA PHE C 18 9.59 -16.49 6.52
C PHE C 18 8.92 -16.29 7.87
N GLY C 19 8.29 -15.15 8.06
CA GLY C 19 7.56 -14.88 9.28
C GLY C 19 8.15 -13.74 10.07
N GLY C 20 7.64 -13.57 11.29
CA GLY C 20 8.07 -12.52 12.18
C GLY C 20 7.14 -11.32 12.16
N GLN C 21 7.31 -10.47 13.18
CA GLN C 21 6.51 -9.27 13.27
C GLN C 21 6.83 -8.34 12.09
N PRO C 22 5.88 -7.51 11.68
CA PRO C 22 6.15 -6.58 10.56
C PRO C 22 7.36 -5.70 10.87
N GLY C 23 8.37 -5.82 10.02
CA GLY C 23 9.60 -5.09 10.18
C GLY C 23 10.74 -5.89 10.78
N GLU C 24 10.44 -7.02 11.43
CA GLU C 24 11.50 -7.84 12.01
C GLU C 24 12.36 -8.45 10.92
N ASN C 25 11.75 -9.05 9.91
CA ASN C 25 12.48 -9.61 8.79
C ASN C 25 12.04 -8.93 7.50
N PRO C 26 12.94 -8.73 6.55
CA PRO C 26 12.56 -8.09 5.29
C PRO C 26 11.61 -8.98 4.50
N THR C 27 10.82 -8.34 3.64
CA THR C 27 9.87 -9.07 2.82
C THR C 27 10.61 -10.04 1.89
N VAL C 28 10.02 -11.21 1.69
CA VAL C 28 10.62 -12.26 0.86
C VAL C 28 9.96 -12.17 -0.51
N LEU C 29 10.65 -11.54 -1.46
CA LEU C 29 10.13 -11.38 -2.81
C LEU C 29 10.27 -12.70 -3.56
N VAL C 30 9.15 -13.32 -3.88
CA VAL C 30 9.13 -14.61 -4.58
C VAL C 30 8.84 -14.33 -6.06
N SER C 31 9.83 -14.61 -6.90
CA SER C 31 9.68 -14.40 -8.34
C SER C 31 8.90 -15.57 -8.94
N THR C 32 8.87 -15.67 -10.26
CA THR C 32 8.18 -16.76 -10.93
C THR C 32 8.84 -16.97 -12.29
N MET C 33 9.46 -18.14 -12.48
CA MET C 33 10.13 -18.47 -13.72
C MET C 33 9.46 -19.67 -14.36
N PHE C 34 9.61 -19.77 -15.69
CA PHE C 34 9.03 -20.84 -16.49
C PHE C 34 7.50 -20.88 -16.36
N TYR C 35 6.88 -19.72 -16.23
CA TYR C 35 5.44 -19.63 -16.12
C TYR C 35 4.80 -19.87 -17.48
N ALA C 36 3.50 -19.67 -17.57
CA ALA C 36 2.78 -19.85 -18.83
C ALA C 36 3.24 -18.81 -19.84
N ARG C 37 3.77 -19.28 -20.97
CA ARG C 37 4.20 -18.44 -22.09
C ARG C 37 5.41 -17.58 -21.73
N HIS C 38 6.32 -18.12 -20.91
CA HIS C 38 7.59 -17.45 -20.68
C HIS C 38 8.37 -17.35 -21.99
N LYS C 39 9.01 -16.20 -22.21
CA LYS C 39 9.68 -15.95 -23.47
C LYS C 39 10.93 -16.80 -23.65
N ILE C 40 11.42 -17.45 -22.60
CA ILE C 40 12.58 -18.33 -22.72
C ILE C 40 12.20 -19.78 -22.92
N VAL C 41 10.99 -20.18 -22.54
CA VAL C 41 10.57 -21.58 -22.65
C VAL C 41 10.13 -21.83 -24.09
N THR C 42 10.91 -22.62 -24.82
CA THR C 42 10.59 -22.96 -26.20
C THR C 42 9.65 -24.16 -26.28
N ASP C 43 9.97 -25.23 -25.57
CA ASP C 43 9.18 -26.46 -25.57
C ASP C 43 8.59 -26.62 -24.17
N GLU C 44 7.34 -26.16 -24.01
CA GLU C 44 6.71 -26.19 -22.70
C GLU C 44 6.47 -27.61 -22.22
N ASP C 45 6.09 -28.51 -23.13
CA ASP C 45 5.80 -29.89 -22.74
C ASP C 45 7.06 -30.62 -22.27
N LYS C 46 8.19 -30.38 -22.93
CA LYS C 46 9.41 -31.13 -22.65
C LYS C 46 10.35 -30.40 -21.71
N GLY C 47 10.02 -29.18 -21.30
CA GLY C 47 10.88 -28.42 -20.42
C GLY C 47 12.21 -28.06 -21.06
N ILE C 48 12.18 -27.59 -22.30
CA ILE C 48 13.37 -27.18 -23.03
C ILE C 48 13.30 -25.68 -23.21
N PHE C 49 14.32 -24.97 -22.72
CA PHE C 49 14.33 -23.52 -22.72
C PHE C 49 15.75 -23.03 -23.02
N ASP C 50 15.92 -21.71 -22.97
CA ASP C 50 17.21 -21.07 -23.22
C ASP C 50 17.96 -20.98 -21.88
N ARG C 51 18.84 -21.95 -21.65
CA ARG C 51 19.54 -22.03 -20.37
C ARG C 51 20.51 -20.87 -20.18
N ALA C 52 21.09 -20.37 -21.28
CA ALA C 52 22.03 -19.24 -21.16
C ALA C 52 21.32 -17.94 -20.88
N ALA C 53 20.13 -17.75 -21.46
CA ALA C 53 19.38 -16.51 -21.29
C ALA C 53 18.51 -16.48 -20.05
N ALA C 54 18.39 -17.61 -19.35
CA ALA C 54 17.65 -17.64 -18.08
C ALA C 54 18.53 -17.35 -16.88
N GLU C 55 19.81 -17.75 -16.93
CA GLU C 55 20.73 -17.40 -15.86
C GLU C 55 20.90 -15.89 -15.73
N THR C 56 20.68 -15.15 -16.82
CA THR C 56 20.76 -13.70 -16.76
C THR C 56 19.57 -13.12 -16.00
N LEU C 57 18.38 -13.70 -16.17
CA LEU C 57 17.22 -13.27 -15.40
C LEU C 57 17.43 -13.52 -13.91
N TRP C 58 18.00 -14.67 -13.56
CA TRP C 58 18.24 -14.98 -12.16
C TRP C 58 19.32 -14.10 -11.56
N ASN C 59 20.42 -13.90 -12.28
CA ASN C 59 21.50 -13.06 -11.78
C ASN C 59 21.09 -11.60 -11.66
N THR C 60 20.00 -11.18 -12.29
CA THR C 60 19.48 -9.84 -12.08
C THR C 60 18.81 -9.72 -10.72
N GLN C 61 18.11 -10.78 -10.28
CA GLN C 61 17.50 -10.78 -8.97
C GLN C 61 18.54 -10.99 -7.86
N VAL C 62 19.61 -11.73 -8.15
CA VAL C 62 20.65 -11.95 -7.15
C VAL C 62 21.40 -10.66 -6.86
N SER C 63 21.73 -9.89 -7.90
CA SER C 63 22.51 -8.67 -7.70
C SER C 63 21.68 -7.58 -7.05
N LEU C 64 20.41 -7.44 -7.43
CA LEU C 64 19.56 -6.44 -6.80
C LEU C 64 19.17 -6.82 -5.39
N SER C 65 19.18 -8.12 -5.06
CA SER C 65 18.94 -8.53 -3.68
C SER C 65 20.10 -8.14 -2.77
N ASP C 66 21.32 -8.11 -3.31
CA ASP C 66 22.47 -7.72 -2.51
C ASP C 66 22.54 -6.22 -2.27
N ALA C 67 21.87 -5.42 -3.09
CA ALA C 67 21.85 -3.97 -2.87
C ALA C 67 20.77 -3.58 -1.87
N THR C 68 19.57 -4.15 -2.00
CA THR C 68 18.45 -3.79 -1.15
C THR C 68 18.34 -4.65 0.09
N GLY C 69 18.97 -5.81 0.13
CA GLY C 69 18.86 -6.70 1.26
C GLY C 69 17.59 -7.52 1.31
N LEU C 70 16.74 -7.42 0.29
CA LEU C 70 15.49 -8.17 0.28
C LEU C 70 15.76 -9.61 -0.17
N PRO C 71 15.40 -10.62 0.64
CA PRO C 71 15.63 -12.00 0.24
C PRO C 71 14.75 -12.39 -0.95
N TYR C 72 15.23 -13.36 -1.72
CA TYR C 72 14.57 -13.79 -2.95
C TYR C 72 14.36 -15.30 -2.91
N VAL C 73 13.23 -15.73 -3.46
CA VAL C 73 12.88 -17.15 -3.55
C VAL C 73 12.28 -17.40 -4.92
N ASN C 74 12.75 -18.44 -5.60
CA ASN C 74 12.23 -18.77 -6.91
C ASN C 74 10.89 -19.48 -6.79
N GLN C 75 10.17 -19.58 -7.91
CA GLN C 75 8.92 -20.33 -7.99
C GLN C 75 8.88 -21.01 -9.36
N ILE C 76 9.28 -22.27 -9.41
CA ILE C 76 9.44 -22.98 -10.68
C ILE C 76 8.10 -23.58 -11.12
N VAL C 77 7.39 -22.86 -11.98
CA VAL C 77 6.11 -23.31 -12.50
C VAL C 77 6.33 -24.35 -13.59
N GLY C 78 5.48 -25.36 -13.61
CA GLY C 78 5.52 -26.37 -14.66
C GLY C 78 4.19 -27.08 -14.77
N GLU C 79 3.94 -27.67 -15.94
CA GLU C 79 2.67 -28.32 -16.21
C GLU C 79 2.78 -29.78 -16.63
N THR C 80 3.98 -30.30 -16.86
CA THR C 80 4.16 -31.71 -17.13
C THR C 80 5.23 -32.27 -16.20
N PRO C 81 5.11 -33.54 -15.81
CA PRO C 81 6.12 -34.12 -14.90
C PRO C 81 7.52 -34.03 -15.46
N GLU C 82 7.69 -34.19 -16.77
CA GLU C 82 9.03 -34.12 -17.36
C GLU C 82 9.56 -32.69 -17.36
N SER C 83 8.71 -31.72 -17.67
CA SER C 83 9.16 -30.33 -17.76
C SER C 83 9.64 -29.83 -16.41
N ILE C 84 8.82 -29.97 -15.37
CA ILE C 84 9.19 -29.44 -14.06
C ILE C 84 10.38 -30.17 -13.49
N LYS C 85 10.65 -31.40 -13.93
CA LYS C 85 11.82 -32.12 -13.46
C LYS C 85 13.10 -31.56 -14.05
N ARG C 86 13.06 -31.14 -15.32
CA ARG C 86 14.23 -30.51 -15.92
C ARG C 86 14.41 -29.08 -15.43
N TYR C 87 13.31 -28.39 -15.11
CA TYR C 87 13.41 -27.04 -14.55
C TYR C 87 14.06 -27.07 -13.18
N ILE C 88 13.62 -27.99 -12.32
CA ILE C 88 14.22 -28.12 -10.99
C ILE C 88 15.68 -28.53 -11.12
N GLU C 89 15.98 -29.43 -12.05
CA GLU C 89 17.35 -29.91 -12.22
C GLU C 89 18.29 -28.77 -12.61
N TRP C 90 17.83 -27.87 -13.48
CA TRP C 90 18.67 -26.73 -13.87
C TRP C 90 18.89 -25.79 -12.71
N PHE C 91 17.83 -25.48 -11.96
CA PHE C 91 17.90 -24.41 -10.97
C PHE C 91 18.91 -24.72 -9.87
N VAL C 92 18.92 -25.95 -9.36
CA VAL C 92 19.78 -26.31 -8.25
C VAL C 92 21.25 -26.35 -8.63
N GLY C 93 21.57 -26.39 -9.92
CA GLY C 93 22.96 -26.41 -10.35
C GLY C 93 23.57 -25.04 -10.50
N ILE C 94 22.72 -24.02 -10.68
CA ILE C 94 23.20 -22.65 -10.78
C ILE C 94 23.19 -21.92 -9.45
N ASP C 95 22.44 -22.41 -8.47
CA ASP C 95 22.36 -21.79 -7.15
C ASP C 95 22.03 -22.87 -6.14
N ASP C 96 22.66 -22.79 -4.96
CA ASP C 96 22.63 -23.88 -3.99
C ASP C 96 22.09 -23.49 -2.63
N ARG C 97 21.42 -22.34 -2.51
CA ARG C 97 20.88 -21.93 -1.22
C ARG C 97 19.42 -21.50 -1.29
N THR C 98 19.00 -20.93 -2.40
CA THR C 98 17.70 -20.25 -2.45
C THR C 98 16.58 -21.26 -2.63
N PRO C 99 15.54 -21.21 -1.79
CA PRO C 99 14.42 -22.13 -1.93
C PRO C 99 13.66 -21.90 -3.23
N PHE C 100 12.72 -22.80 -3.51
CA PHE C 100 11.95 -22.71 -4.74
C PHE C 100 10.58 -23.33 -4.52
N LEU C 101 9.53 -22.57 -4.81
CA LEU C 101 8.18 -23.11 -4.79
C LEU C 101 7.98 -24.01 -6.01
N ILE C 102 7.65 -25.28 -5.77
CA ILE C 102 7.36 -26.20 -6.88
C ILE C 102 5.87 -26.08 -7.15
N ASP C 103 5.52 -25.07 -7.95
CA ASP C 103 4.13 -24.70 -8.18
C ASP C 103 3.61 -25.36 -9.44
N SER C 104 2.37 -25.83 -9.39
CA SER C 104 1.70 -26.39 -10.56
C SER C 104 0.20 -26.42 -10.32
N SER C 105 -0.56 -26.26 -11.40
CA SER C 105 -2.01 -26.35 -11.33
C SER C 105 -2.53 -27.78 -11.37
N ALA C 106 -1.69 -28.75 -11.75
CA ALA C 106 -2.08 -30.14 -11.84
C ALA C 106 -1.42 -30.91 -10.71
N GLY C 107 -2.24 -31.57 -9.89
CA GLY C 107 -1.74 -32.28 -8.74
C GLY C 107 -0.80 -33.43 -9.08
N ASN C 108 -0.90 -33.96 -10.29
CA ASN C 108 0.02 -35.01 -10.72
C ASN C 108 1.45 -34.49 -10.79
N VAL C 109 1.63 -33.26 -11.28
CA VAL C 109 2.97 -32.72 -11.42
C VAL C 109 3.58 -32.45 -10.06
N ARG C 110 2.83 -31.82 -9.16
CA ARG C 110 3.31 -31.62 -7.80
C ARG C 110 3.60 -32.95 -7.12
N ALA C 111 2.84 -34.00 -7.47
CA ALA C 111 3.20 -35.34 -7.02
C ALA C 111 4.55 -35.76 -7.58
N ALA C 112 4.78 -35.49 -8.87
CA ALA C 112 6.05 -35.85 -9.49
C ALA C 112 7.18 -34.95 -9.00
N ALA C 113 6.90 -33.66 -8.81
CA ALA C 113 7.93 -32.74 -8.34
C ALA C 113 8.40 -33.09 -6.93
N ALA C 114 7.47 -33.50 -6.06
CA ALA C 114 7.84 -33.83 -4.70
C ALA C 114 8.78 -35.03 -4.65
N GLN C 115 8.51 -36.06 -5.46
CA GLN C 115 9.38 -37.23 -5.49
C GLN C 115 10.78 -36.88 -5.98
N TYR C 116 10.88 -36.04 -7.01
CA TYR C 116 12.19 -35.73 -7.57
C TYR C 116 13.06 -34.94 -6.60
N CYS C 117 12.44 -34.03 -5.84
CA CYS C 117 13.21 -33.20 -4.93
C CYS C 117 13.90 -34.03 -3.86
N THR C 118 13.18 -35.00 -3.28
CA THR C 118 13.79 -35.85 -2.27
C THR C 118 14.73 -36.88 -2.89
N GLU C 119 14.53 -37.22 -4.17
CA GLU C 119 15.38 -38.21 -4.82
C GLU C 119 16.82 -37.72 -4.93
N ILE C 120 17.02 -36.44 -5.27
CA ILE C 120 18.36 -35.91 -5.50
C ILE C 120 18.86 -35.08 -4.31
N GLY C 121 18.14 -35.10 -3.19
CA GLY C 121 18.63 -34.54 -1.95
C GLY C 121 18.20 -33.12 -1.65
N VAL C 122 17.74 -32.37 -2.65
CA VAL C 122 17.31 -30.98 -2.42
C VAL C 122 15.82 -31.03 -2.08
N ALA C 123 15.55 -31.27 -0.80
CA ALA C 123 14.19 -31.31 -0.28
C ALA C 123 13.94 -30.32 0.84
N ASP C 124 14.96 -29.99 1.63
CA ASP C 124 14.81 -28.94 2.64
C ASP C 124 14.75 -27.56 2.00
N ARG C 125 15.04 -27.45 0.71
CA ARG C 125 14.96 -26.20 -0.03
C ARG C 125 13.71 -26.10 -0.88
N ALA C 126 12.80 -27.07 -0.80
CA ALA C 126 11.62 -27.12 -1.65
C ALA C 126 10.38 -26.80 -0.85
N ILE C 127 9.58 -25.86 -1.35
CA ILE C 127 8.32 -25.46 -0.75
C ILE C 127 7.21 -25.96 -1.65
N HIS C 128 6.38 -26.87 -1.14
CA HIS C 128 5.28 -27.41 -1.92
C HIS C 128 4.17 -26.38 -2.01
N ASN C 129 3.73 -26.08 -3.24
CA ASN C 129 2.71 -25.08 -3.48
C ASN C 129 1.69 -25.66 -4.45
N SER C 130 0.47 -25.89 -3.98
CA SER C 130 0.07 -25.58 -2.61
C SER C 130 -0.91 -26.62 -2.09
N ILE C 131 -1.03 -26.72 -0.77
CA ILE C 131 -1.99 -27.62 -0.14
C ILE C 131 -3.31 -26.84 -0.05
N ASN C 132 -4.10 -26.92 -1.11
CA ASN C 132 -5.39 -26.24 -1.14
C ASN C 132 -6.47 -27.17 -0.60
N ALA C 133 -7.73 -26.75 -0.69
CA ALA C 133 -8.84 -27.55 -0.18
C ALA C 133 -9.27 -28.65 -1.13
N SER C 134 -8.76 -28.66 -2.36
CA SER C 134 -9.11 -29.66 -3.36
C SER C 134 -8.07 -30.78 -3.45
N ILE C 135 -7.09 -30.80 -2.56
CA ILE C 135 -6.05 -31.82 -2.60
C ILE C 135 -6.68 -33.20 -2.49
N GLU C 136 -6.29 -34.10 -3.39
CA GLU C 136 -6.87 -35.43 -3.45
C GLU C 136 -6.08 -36.40 -2.57
N GLN C 137 -6.57 -37.63 -2.46
CA GLN C 137 -5.94 -38.61 -1.59
C GLN C 137 -4.58 -39.04 -2.12
N SER C 138 -4.44 -39.11 -3.45
CA SER C 138 -3.16 -39.50 -4.03
C SER C 138 -2.07 -38.47 -3.73
N GLU C 139 -2.43 -37.18 -3.79
CA GLU C 139 -1.44 -36.14 -3.54
C GLU C 139 -0.92 -36.16 -2.12
N ILE C 140 -1.77 -36.51 -1.14
CA ILE C 140 -1.31 -36.67 0.23
C ILE C 140 -0.31 -37.82 0.33
N ASP C 141 -0.57 -38.91 -0.39
CA ASP C 141 0.27 -40.10 -0.28
C ASP C 141 1.70 -39.81 -0.70
N VAL C 142 1.89 -39.17 -1.86
CA VAL C 142 3.24 -38.88 -2.34
C VAL C 142 3.89 -37.79 -1.50
N LEU C 143 3.11 -36.82 -1.02
CA LEU C 143 3.68 -35.76 -0.20
C LEU C 143 4.20 -36.30 1.13
N THR C 144 3.46 -37.21 1.76
CA THR C 144 3.87 -37.73 3.06
C THR C 144 5.04 -38.71 2.95
N GLU C 145 5.14 -39.43 1.82
CA GLU C 145 6.31 -40.27 1.60
C GLU C 145 7.55 -39.43 1.31
N SER C 146 7.37 -38.29 0.66
CA SER C 146 8.49 -37.44 0.28
C SER C 146 9.15 -36.83 1.51
N ASP C 147 10.26 -36.14 1.27
CA ASP C 147 11.00 -35.45 2.32
C ASP C 147 10.74 -33.95 2.33
N VAL C 148 9.73 -33.49 1.59
CA VAL C 148 9.36 -32.08 1.62
C VAL C 148 8.80 -31.74 3.00
N SER C 149 9.36 -30.74 3.65
CA SER C 149 8.97 -30.35 5.00
C SER C 149 8.23 -29.03 5.07
N ALA C 150 8.40 -28.15 4.08
CA ALA C 150 7.71 -26.86 4.05
C ALA C 150 6.76 -26.84 2.87
N ALA C 151 5.56 -26.30 3.10
CA ALA C 151 4.55 -26.24 2.05
C ALA C 151 3.66 -25.03 2.30
N ILE C 152 2.99 -24.60 1.24
CA ILE C 152 2.10 -23.45 1.28
C ILE C 152 0.67 -23.96 1.36
N VAL C 153 -0.06 -23.53 2.36
CA VAL C 153 -1.46 -23.88 2.53
C VAL C 153 -2.31 -22.74 2.01
N LEU C 154 -3.23 -23.05 1.10
CA LEU C 154 -4.05 -22.04 0.45
C LEU C 154 -5.34 -21.85 1.22
N ALA C 155 -5.52 -20.65 1.78
CA ALA C 155 -6.71 -20.34 2.57
C ALA C 155 -7.87 -20.00 1.62
N PHE C 156 -8.29 -21.01 0.87
CA PHE C 156 -9.36 -20.89 -0.11
C PHE C 156 -10.61 -21.56 0.42
N ASN C 157 -11.63 -20.77 0.74
CA ASN C 157 -12.96 -21.27 1.07
C ASN C 157 -13.85 -20.91 -0.11
N ALA C 158 -14.15 -21.92 -0.94
CA ALA C 158 -14.77 -21.65 -2.24
C ALA C 158 -16.09 -20.90 -2.09
N THR C 159 -17.01 -21.44 -1.29
CA THR C 159 -18.30 -20.78 -1.08
C THR C 159 -18.29 -19.90 0.16
N ASP C 160 -17.27 -19.07 0.31
CA ASP C 160 -17.19 -18.14 1.43
C ASP C 160 -16.12 -17.07 1.18
N PRO C 161 -16.33 -16.15 0.25
CA PRO C 161 -15.28 -15.17 -0.06
C PRO C 161 -15.12 -14.11 1.01
N THR C 162 -15.01 -14.52 2.26
CA THR C 162 -14.92 -13.59 3.39
C THR C 162 -13.77 -14.01 4.30
N VAL C 163 -13.44 -13.12 5.23
CA VAL C 163 -12.36 -13.39 6.17
C VAL C 163 -12.68 -14.61 7.03
N LYS C 164 -13.94 -14.76 7.43
CA LYS C 164 -14.31 -15.90 8.24
C LYS C 164 -14.21 -17.21 7.46
N GLY C 165 -14.42 -17.16 6.15
CA GLY C 165 -14.24 -18.35 5.35
C GLY C 165 -12.78 -18.78 5.28
N LYS C 166 -11.87 -17.83 5.12
CA LYS C 166 -10.45 -18.16 5.10
C LYS C 166 -9.99 -18.75 6.43
N ILE C 167 -10.47 -18.20 7.54
CA ILE C 167 -10.14 -18.76 8.84
C ILE C 167 -10.72 -20.17 8.98
N ASP C 168 -11.95 -20.37 8.48
CA ASP C 168 -12.63 -21.64 8.69
C ASP C 168 -12.01 -22.76 7.85
N ILE C 169 -11.50 -22.44 6.66
CA ILE C 169 -10.88 -23.48 5.84
C ILE C 169 -9.54 -23.92 6.42
N LEU C 170 -8.92 -23.08 7.25
CA LEU C 170 -7.72 -23.47 7.96
C LEU C 170 -8.03 -24.05 9.33
N GLU C 171 -9.09 -23.58 9.99
CA GLU C 171 -9.41 -24.00 11.34
C GLU C 171 -10.25 -25.27 11.35
N VAL C 172 -11.45 -25.21 10.76
CA VAL C 172 -12.39 -26.33 10.80
C VAL C 172 -12.55 -27.02 9.46
N GLY C 173 -12.09 -26.40 8.37
CA GLY C 173 -12.31 -26.93 7.04
C GLY C 173 -13.63 -26.46 6.45
N GLY C 174 -13.71 -26.58 5.12
CA GLY C 174 -14.87 -26.09 4.41
C GLY C 174 -15.82 -27.16 3.94
N SER C 175 -16.07 -27.21 2.63
CA SER C 175 -16.95 -28.20 2.03
C SER C 175 -16.14 -29.25 1.30
N GLY C 176 -16.57 -30.50 1.42
CA GLY C 176 -15.85 -31.61 0.84
C GLY C 176 -14.71 -32.14 1.67
N GLN C 177 -14.48 -31.57 2.86
CA GLN C 177 -13.41 -32.01 3.74
C GLN C 177 -13.91 -32.04 5.17
N THR C 178 -13.15 -32.69 6.04
CA THR C 178 -13.50 -32.84 7.44
C THR C 178 -12.50 -32.24 8.40
N LYS C 179 -11.26 -32.02 7.99
CA LYS C 179 -10.22 -31.45 8.83
C LYS C 179 -9.70 -30.17 8.22
N GLY C 180 -9.29 -29.24 9.07
CA GLY C 180 -8.80 -27.96 8.59
C GLY C 180 -7.58 -28.14 7.71
N MET C 181 -7.49 -27.31 6.67
CA MET C 181 -6.38 -27.39 5.73
C MET C 181 -5.03 -27.08 6.38
N LEU C 182 -5.05 -26.45 7.55
CA LEU C 182 -3.82 -26.24 8.31
C LEU C 182 -3.45 -27.46 9.15
N GLN C 183 -4.36 -28.41 9.30
CA GLN C 183 -4.07 -29.67 9.98
C GLN C 183 -3.87 -30.83 9.01
N VAL C 184 -4.44 -30.74 7.81
CA VAL C 184 -4.10 -31.69 6.75
C VAL C 184 -2.61 -31.59 6.44
N ALA C 185 -2.06 -30.37 6.45
CA ALA C 185 -0.64 -30.20 6.20
C ALA C 185 0.19 -30.92 7.27
N LYS C 186 -0.22 -30.84 8.53
CA LYS C 186 0.56 -31.45 9.61
C LYS C 186 0.65 -32.96 9.43
N GLU C 187 -0.45 -33.61 9.06
CA GLU C 187 -0.42 -35.04 8.81
C GLU C 187 0.27 -35.39 7.50
N CYS C 188 0.50 -34.42 6.62
CA CYS C 188 1.28 -34.63 5.41
C CYS C 188 2.77 -34.57 5.66
N GLY C 189 3.19 -34.32 6.90
CA GLY C 189 4.60 -34.18 7.21
C GLY C 189 5.14 -32.79 7.03
N ILE C 190 4.30 -31.80 6.79
CA ILE C 190 4.75 -30.41 6.64
C ILE C 190 4.99 -29.82 8.02
N LYS C 191 6.26 -29.69 8.42
CA LYS C 191 6.58 -29.05 9.68
C LYS C 191 6.49 -27.53 9.60
N TYR C 192 6.51 -26.96 8.39
CA TYR C 192 6.56 -25.52 8.19
C TYR C 192 5.42 -25.09 7.27
N PRO C 193 4.22 -24.90 7.82
CA PRO C 193 3.12 -24.39 6.99
C PRO C 193 3.22 -22.90 6.79
N ILE C 194 2.98 -22.47 5.55
CA ILE C 194 3.07 -21.07 5.15
C ILE C 194 1.73 -20.69 4.50
N ILE C 195 0.96 -19.85 5.18
CA ILE C 195 -0.40 -19.58 4.74
C ILE C 195 -0.38 -18.71 3.49
N ASP C 196 -1.30 -18.99 2.56
CA ASP C 196 -1.52 -18.20 1.37
C ASP C 196 -2.95 -17.66 1.42
N VAL C 197 -3.10 -16.36 1.20
CA VAL C 197 -4.41 -15.73 1.34
C VAL C 197 -5.34 -16.05 0.18
N ALA C 198 -4.81 -16.52 -0.95
CA ALA C 198 -5.59 -16.83 -2.14
C ALA C 198 -6.38 -15.60 -2.61
N ALA C 199 -5.61 -14.61 -3.06
CA ALA C 199 -6.18 -13.33 -3.47
C ALA C 199 -7.26 -13.52 -4.54
N MET C 200 -8.37 -12.83 -4.34
CA MET C 200 -9.55 -12.93 -5.18
C MET C 200 -9.67 -11.72 -6.10
N PRO C 201 -10.41 -11.85 -7.20
CA PRO C 201 -10.48 -10.74 -8.17
C PRO C 201 -11.13 -9.50 -7.56
N LEU C 202 -10.81 -8.35 -8.16
CA LEU C 202 -11.31 -7.08 -7.67
C LEU C 202 -12.81 -7.00 -7.90
N GLY C 203 -13.55 -6.59 -6.87
CA GLY C 203 -14.99 -6.54 -6.95
C GLY C 203 -15.68 -7.86 -6.67
N ALA C 204 -14.93 -8.90 -6.31
CA ALA C 204 -15.52 -10.21 -6.00
C ALA C 204 -14.87 -10.84 -4.78
N GLY C 205 -14.42 -10.03 -3.83
CA GLY C 205 -13.78 -10.53 -2.64
C GLY C 205 -12.34 -10.11 -2.50
N SER C 206 -12.00 -8.93 -3.04
CA SER C 206 -10.64 -8.43 -2.94
C SER C 206 -10.37 -7.73 -1.61
N GLY C 207 -11.39 -7.12 -1.02
CA GLY C 207 -11.22 -6.48 0.27
C GLY C 207 -10.94 -7.46 1.38
N ALA C 208 -11.52 -8.67 1.30
CA ALA C 208 -11.25 -9.69 2.30
C ALA C 208 -9.83 -10.21 2.20
N THR C 209 -9.22 -10.15 1.02
CA THR C 209 -7.84 -10.57 0.86
C THR C 209 -6.89 -9.69 1.67
N ILE C 210 -7.09 -8.38 1.62
CA ILE C 210 -6.18 -7.46 2.30
C ILE C 210 -6.49 -7.39 3.79
N ARG C 211 -7.74 -7.64 4.20
CA ARG C 211 -8.08 -7.65 5.61
C ARG C 211 -7.82 -8.99 6.27
N SER C 212 -7.52 -10.03 5.49
CA SER C 212 -7.10 -11.30 6.06
C SER C 212 -5.61 -11.34 6.35
N VAL C 213 -4.84 -10.45 5.73
CA VAL C 213 -3.41 -10.38 6.03
C VAL C 213 -3.14 -10.04 7.49
N PRO C 214 -3.78 -9.03 8.10
CA PRO C 214 -3.61 -8.82 9.53
C PRO C 214 -4.51 -9.67 10.40
N THR C 215 -5.40 -10.47 9.81
CA THR C 215 -6.28 -11.34 10.56
C THR C 215 -5.76 -12.77 10.66
N LEU C 216 -5.16 -13.29 9.58
CA LEU C 216 -4.56 -14.62 9.63
C LEU C 216 -3.15 -14.60 10.20
N LYS C 217 -2.63 -13.42 10.55
CA LYS C 217 -1.38 -13.30 11.29
C LYS C 217 -1.62 -13.11 12.78
N GLY C 218 -2.67 -12.39 13.15
CA GLY C 218 -3.06 -12.21 14.54
C GLY C 218 -3.94 -13.31 15.06
N LYS C 219 -4.21 -14.35 14.27
CA LYS C 219 -4.96 -15.52 14.70
C LYS C 219 -4.13 -16.78 14.73
N PHE C 220 -3.26 -16.98 13.73
CA PHE C 220 -2.39 -18.14 13.66
C PHE C 220 -0.94 -17.83 13.99
N GLY C 221 -0.41 -16.72 13.48
CA GLY C 221 0.97 -16.36 13.70
C GLY C 221 1.94 -16.94 12.70
N LEU C 222 1.49 -17.79 11.79
CA LEU C 222 2.33 -18.35 10.76
C LEU C 222 2.59 -17.33 9.66
N PRO C 223 3.65 -17.50 8.88
CA PRO C 223 3.93 -16.54 7.79
C PRO C 223 2.76 -16.41 6.84
N ILE C 224 2.46 -15.18 6.46
CA ILE C 224 1.29 -14.85 5.64
C ILE C 224 1.76 -14.11 4.41
N GLY C 225 1.15 -14.45 3.28
CA GLY C 225 1.45 -13.77 2.04
C GLY C 225 0.64 -14.36 0.92
N GLY C 226 1.04 -14.04 -0.31
CA GLY C 226 0.37 -14.59 -1.46
C GLY C 226 0.65 -13.77 -2.70
N GLY C 227 0.01 -14.18 -3.79
CA GLY C 227 0.14 -13.45 -5.04
C GLY C 227 -0.95 -12.41 -5.18
N TYR C 228 -0.64 -11.16 -4.86
CA TYR C 228 -1.62 -10.10 -4.91
C TYR C 228 -1.71 -9.44 -6.27
N HIS C 229 -0.70 -9.61 -7.13
CA HIS C 229 -0.76 -9.03 -8.46
C HIS C 229 -1.85 -9.67 -9.32
N ASN C 230 -2.39 -10.82 -8.91
CA ASN C 230 -3.50 -11.42 -9.63
C ASN C 230 -4.75 -10.55 -9.55
N MET C 231 -4.86 -9.70 -8.54
CA MET C 231 -6.03 -8.83 -8.43
C MET C 231 -6.03 -7.77 -9.51
N ALA C 232 -4.87 -7.17 -9.78
CA ALA C 232 -4.76 -6.19 -10.85
C ALA C 232 -4.65 -6.84 -12.23
N SER C 233 -4.29 -8.11 -12.30
CA SER C 233 -4.22 -8.81 -13.57
C SER C 233 -5.59 -9.27 -14.04
N ALA C 234 -6.50 -9.54 -13.11
CA ALA C 234 -7.87 -9.93 -13.45
C ALA C 234 -8.81 -8.75 -13.60
N TRP C 235 -8.30 -7.53 -13.41
CA TRP C 235 -9.14 -6.34 -13.49
C TRP C 235 -9.50 -6.05 -14.94
N ASP C 236 -10.80 -6.05 -15.24
CA ASP C 236 -11.25 -5.82 -16.61
C ASP C 236 -11.16 -4.35 -17.00
N TRP C 237 -11.46 -3.45 -16.07
CA TRP C 237 -11.42 -2.02 -16.38
C TRP C 237 -10.01 -1.56 -16.72
N LEU C 238 -9.03 -2.01 -15.94
CA LEU C 238 -7.64 -1.63 -16.21
C LEU C 238 -7.17 -2.22 -17.53
N ARG C 239 -7.56 -3.46 -17.84
CA ARG C 239 -7.19 -4.04 -19.12
C ARG C 239 -7.76 -3.26 -20.30
N LYS C 240 -8.83 -2.50 -20.08
CA LYS C 240 -9.41 -1.68 -21.14
C LYS C 240 -8.83 -0.27 -21.12
N PHE C 241 -8.73 0.34 -19.94
CA PHE C 241 -8.21 1.70 -19.84
C PHE C 241 -6.76 1.78 -20.30
N LYS C 242 -5.94 0.80 -19.91
CA LYS C 242 -4.51 0.87 -20.20
C LYS C 242 -4.20 0.76 -21.69
N LYS C 243 -5.15 0.28 -22.50
CA LYS C 243 -4.91 0.16 -23.93
C LYS C 243 -5.11 1.48 -24.65
N THR C 244 -5.99 2.34 -24.15
CA THR C 244 -6.23 3.62 -24.78
C THR C 244 -4.99 4.51 -24.75
N GLN C 245 -4.26 4.47 -23.63
CA GLN C 245 -3.09 5.31 -23.46
C GLN C 245 -1.92 4.77 -24.29
N PRO C 246 -0.98 5.65 -24.67
CA PRO C 246 0.10 5.20 -25.58
C PRO C 246 0.96 4.08 -25.04
N ASP C 247 1.22 4.06 -23.72
CA ASP C 247 2.08 3.05 -23.13
C ASP C 247 1.27 2.16 -22.21
N PRO C 248 0.85 0.97 -22.65
CA PRO C 248 0.03 0.11 -21.79
C PRO C 248 0.70 -0.27 -20.48
N LYS C 249 2.02 -0.45 -20.46
CA LYS C 249 2.71 -0.89 -19.26
C LYS C 249 3.08 0.25 -18.33
N ALA C 250 2.98 1.50 -18.78
CA ALA C 250 3.26 2.62 -17.89
C ALA C 250 2.18 2.79 -16.84
N ILE C 251 0.94 2.45 -17.17
CA ILE C 251 -0.18 2.60 -16.25
C ILE C 251 -0.41 1.33 -15.44
N TYR C 252 -0.26 0.16 -16.06
CA TYR C 252 -0.57 -1.09 -15.38
C TYR C 252 0.47 -1.42 -14.31
N MET C 253 1.73 -1.02 -14.52
CA MET C 253 2.77 -1.37 -13.56
C MET C 253 2.56 -0.75 -12.19
N PRO C 254 2.27 0.55 -12.05
CA PRO C 254 2.01 1.09 -10.70
C PRO C 254 0.85 0.41 -10.00
N THR C 255 -0.17 -0.03 -10.73
CA THR C 255 -1.25 -0.80 -10.11
C THR C 255 -0.81 -2.22 -9.80
N ASP C 256 -0.05 -2.84 -10.71
CA ASP C 256 0.41 -4.21 -10.47
C ASP C 256 1.44 -4.28 -9.36
N ILE C 257 2.24 -3.22 -9.19
CA ILE C 257 3.20 -3.14 -8.11
C ILE C 257 2.61 -2.41 -6.90
N GLY C 258 1.29 -2.24 -6.88
CA GLY C 258 0.63 -1.59 -5.77
C GLY C 258 -0.13 -2.58 -4.92
N THR C 259 -0.49 -3.72 -5.51
CA THR C 259 -1.14 -4.78 -4.75
C THR C 259 -0.20 -5.35 -3.71
N ASN C 260 1.09 -5.48 -4.04
CA ASN C 260 2.05 -6.00 -3.08
C ASN C 260 2.30 -5.01 -1.95
N LEU C 261 2.50 -3.73 -2.31
CA LEU C 261 2.82 -2.72 -1.31
C LEU C 261 1.67 -2.56 -0.31
N VAL C 262 0.43 -2.57 -0.79
CA VAL C 262 -0.71 -2.44 0.11
C VAL C 262 -0.76 -3.60 1.08
N ALA C 263 -0.58 -4.82 0.57
CA ALA C 263 -0.60 -5.99 1.45
C ALA C 263 0.64 -6.07 2.31
N GLN C 264 1.78 -5.55 1.83
CA GLN C 264 3.00 -5.58 2.63
C GLN C 264 2.86 -4.73 3.89
N ILE C 265 2.28 -3.53 3.76
CA ILE C 265 2.12 -2.67 4.93
C ILE C 265 1.06 -3.23 5.87
N ALA C 266 0.17 -4.10 5.37
CA ALA C 266 -0.85 -4.72 6.20
C ALA C 266 -0.34 -5.93 6.96
N GLY C 267 0.93 -6.31 6.77
CA GLY C 267 1.52 -7.41 7.50
C GLY C 267 1.99 -8.57 6.65
N SER C 268 1.92 -8.52 5.33
CA SER C 268 2.35 -9.65 4.50
C SER C 268 3.85 -9.86 4.66
N ASP C 269 4.26 -11.14 4.60
CA ASP C 269 5.64 -11.52 4.86
C ASP C 269 6.38 -11.99 3.61
N TYR C 270 5.68 -12.38 2.56
CA TYR C 270 6.30 -12.70 1.29
C TYR C 270 5.31 -12.36 0.18
N LEU C 271 5.85 -12.05 -0.99
CA LEU C 271 5.04 -11.52 -2.09
C LEU C 271 5.36 -12.28 -3.36
N LEU C 272 4.37 -13.03 -3.88
CA LEU C 272 4.49 -13.69 -5.17
C LEU C 272 4.29 -12.63 -6.25
N TYR C 273 5.33 -11.83 -6.47
CA TYR C 273 5.21 -10.63 -7.29
C TYR C 273 5.16 -10.93 -8.79
N GLY C 274 5.06 -12.19 -9.19
CA GLY C 274 4.84 -12.52 -10.58
C GLY C 274 6.12 -12.80 -11.35
N PRO C 275 6.12 -12.46 -12.63
CA PRO C 275 7.25 -12.83 -13.50
C PRO C 275 8.57 -12.26 -13.01
N ILE C 276 9.64 -13.02 -13.21
CA ILE C 276 10.97 -12.62 -12.79
C ILE C 276 11.41 -11.35 -13.49
N GLU C 277 10.90 -11.10 -14.69
CA GLU C 277 11.34 -9.97 -15.51
C GLU C 277 10.88 -8.62 -14.99
N ASN C 278 10.31 -8.55 -13.78
CA ASN C 278 9.92 -7.30 -13.16
C ASN C 278 10.79 -6.97 -11.95
N VAL C 279 12.00 -7.50 -11.89
CA VAL C 279 12.84 -7.35 -10.72
C VAL C 279 13.17 -5.88 -10.47
N ASN C 280 13.53 -5.15 -11.54
CA ASN C 280 14.00 -3.79 -11.38
C ASN C 280 12.92 -2.81 -10.99
N GLN C 281 11.64 -3.21 -11.01
CA GLN C 281 10.56 -2.32 -10.63
C GLN C 281 9.87 -2.70 -9.32
N ILE C 282 10.00 -3.95 -8.88
CA ILE C 282 9.37 -4.36 -7.62
C ILE C 282 10.29 -4.13 -6.43
N PHE C 283 11.59 -4.36 -6.59
CA PHE C 283 12.51 -4.21 -5.46
C PHE C 283 12.58 -2.78 -4.94
N PRO C 284 12.72 -1.74 -5.76
CA PRO C 284 12.68 -0.38 -5.20
C PRO C 284 11.36 -0.05 -4.52
N ALA C 285 10.24 -0.57 -5.05
CA ALA C 285 8.95 -0.26 -4.45
C ALA C 285 8.75 -1.03 -3.14
N VAL C 286 9.22 -2.28 -3.08
CA VAL C 286 9.03 -3.08 -1.89
C VAL C 286 10.03 -2.71 -0.81
N ALA C 287 11.28 -2.44 -1.19
CA ALA C 287 12.27 -2.03 -0.20
C ALA C 287 11.93 -0.68 0.41
N MET C 288 11.15 0.14 -0.28
CA MET C 288 10.69 1.40 0.30
C MET C 288 9.70 1.14 1.43
N VAL C 289 8.70 0.28 1.19
CA VAL C 289 7.73 -0.06 2.22
C VAL C 289 8.36 -0.89 3.33
N ASP C 290 9.55 -1.43 3.10
CA ASP C 290 10.28 -2.12 4.16
C ASP C 290 11.11 -1.17 5.00
N ILE C 291 11.47 0.00 4.47
CA ILE C 291 12.05 1.04 5.32
C ILE C 291 10.98 1.63 6.23
N MET C 292 9.76 1.81 5.71
CA MET C 292 8.68 2.28 6.56
C MET C 292 8.36 1.28 7.67
N LEU C 293 8.35 -0.01 7.34
CA LEU C 293 8.07 -1.03 8.35
C LEU C 293 9.24 -1.23 9.29
N GLY C 294 10.47 -1.03 8.80
CA GLY C 294 11.63 -1.13 9.66
C GLY C 294 11.86 0.05 10.56
N GLU C 295 11.09 1.12 10.39
CA GLU C 295 11.17 2.30 11.24
C GLU C 295 10.18 2.22 12.40
N THR C 296 8.94 1.83 12.12
CA THR C 296 7.99 1.61 13.20
C THR C 296 8.45 0.48 14.12
N ALA C 297 9.01 -0.58 13.54
CA ALA C 297 9.50 -1.69 14.35
C ALA C 297 10.60 -1.23 15.30
N LYS C 298 11.51 -0.37 14.83
CA LYS C 298 12.53 0.18 15.72
C LYS C 298 11.94 1.13 16.74
N GLU C 299 10.76 1.69 16.48
CA GLU C 299 10.11 2.61 17.39
C GLU C 299 9.04 1.96 18.24
N LEU C 300 8.36 0.93 17.72
CA LEU C 300 7.36 0.20 18.48
C LEU C 300 7.96 -0.81 19.44
N GLY C 301 9.28 -0.96 19.46
CA GLY C 301 9.94 -1.90 20.33
C GLY C 301 10.25 -3.24 19.72
N VAL C 302 9.83 -3.49 18.48
CA VAL C 302 10.13 -4.74 17.82
C VAL C 302 11.63 -4.82 17.54
N GLU C 303 12.22 -5.97 17.84
CA GLU C 303 13.63 -6.20 17.55
C GLU C 303 13.80 -6.77 16.16
N ILE C 304 14.77 -6.26 15.42
CA ILE C 304 15.05 -6.71 14.06
C ILE C 304 16.15 -7.74 14.10
N ALA C 305 16.00 -8.80 13.29
CA ALA C 305 16.94 -9.91 13.32
C ALA C 305 18.35 -9.46 12.93
N ASP C 306 18.51 -9.00 11.70
CA ASP C 306 19.80 -8.55 11.17
C ASP C 306 19.62 -7.11 10.70
N LEU C 307 19.92 -6.15 11.57
CA LEU C 307 19.73 -4.75 11.22
C LEU C 307 20.72 -4.28 10.16
N GLU C 308 21.91 -4.90 10.11
CA GLU C 308 22.93 -4.44 9.16
C GLU C 308 22.52 -4.70 7.72
N ASN C 309 21.79 -5.77 7.46
CA ASN C 309 21.34 -6.11 6.11
C ASN C 309 19.85 -5.86 5.93
N HIS C 310 19.29 -4.97 6.71
CA HIS C 310 17.91 -4.55 6.51
C HIS C 310 17.85 -3.43 5.48
N PRO C 311 16.75 -3.33 4.73
CA PRO C 311 16.60 -2.19 3.81
C PRO C 311 16.58 -0.85 4.52
N VAL C 312 16.28 -0.82 5.81
CA VAL C 312 16.27 0.43 6.55
C VAL C 312 17.67 0.97 6.78
N THR C 313 18.69 0.14 6.60
CA THR C 313 20.08 0.53 6.83
C THR C 313 20.89 0.61 5.55
N LYS C 314 20.73 -0.35 4.64
CA LYS C 314 21.51 -0.34 3.41
C LYS C 314 21.07 0.77 2.46
N LEU C 315 19.78 1.11 2.45
CA LEU C 315 19.21 2.03 1.47
C LEU C 315 18.85 3.38 2.05
N THR C 316 19.27 3.68 3.28
CA THR C 316 18.95 4.96 3.89
C THR C 316 20.21 5.78 4.17
N MET D 1 -9.18 -1.48 5.44
CA MET D 1 -9.22 -2.63 6.34
C MET D 1 -9.44 -2.20 7.78
N PHE D 2 -9.57 -0.89 7.99
CA PHE D 2 -9.80 -0.31 9.30
C PHE D 2 -11.24 0.14 9.44
N LYS D 3 -11.68 0.29 10.69
CA LYS D 3 -12.95 0.91 11.01
C LYS D 3 -12.79 1.58 12.37
N PHE D 4 -12.48 2.86 12.37
CA PHE D 4 -12.15 3.56 13.60
C PHE D 4 -13.37 3.69 14.50
N ASP D 5 -13.14 3.59 15.81
CA ASP D 5 -14.22 3.76 16.77
C ASP D 5 -14.65 5.22 16.85
N LYS D 6 -13.69 6.15 16.81
CA LYS D 6 -14.01 7.57 16.89
C LYS D 6 -14.80 7.99 15.64
N LYS D 7 -15.93 8.66 15.87
CA LYS D 7 -16.79 9.08 14.77
C LYS D 7 -16.05 10.06 13.87
N GLN D 8 -15.99 9.75 12.58
CA GLN D 8 -15.21 10.53 11.64
C GLN D 8 -16.05 11.66 11.06
N GLU D 9 -15.45 12.85 11.00
CA GLU D 9 -16.14 14.03 10.53
C GLU D 9 -16.00 14.17 9.01
N VAL D 10 -17.13 14.32 8.33
CA VAL D 10 -17.17 14.48 6.89
C VAL D 10 -17.42 15.95 6.57
N PHE D 11 -16.48 16.56 5.85
CA PHE D 11 -16.60 17.95 5.42
C PHE D 11 -16.86 17.96 3.93
N GLU D 12 -17.85 18.74 3.49
CA GLU D 12 -18.21 18.85 2.08
C GLU D 12 -17.73 20.20 1.58
N LEU D 13 -16.74 20.19 0.67
CA LEU D 13 -16.12 21.40 0.12
C LEU D 13 -16.39 21.42 -1.37
N GLY D 14 -17.48 22.08 -1.78
CA GLY D 14 -17.81 22.14 -3.19
C GLY D 14 -18.12 20.80 -3.80
N GLY D 15 -18.72 19.89 -3.04
CA GLY D 15 -19.06 18.58 -3.53
C GLY D 15 -18.02 17.51 -3.26
N VAL D 16 -16.82 17.89 -2.84
CA VAL D 16 -15.76 16.94 -2.52
C VAL D 16 -15.79 16.71 -1.02
N LYS D 17 -16.22 15.53 -0.61
CA LYS D 17 -16.41 15.22 0.81
C LYS D 17 -15.12 14.67 1.39
N PHE D 18 -14.52 15.43 2.30
CA PHE D 18 -13.30 15.01 2.99
C PHE D 18 -13.66 14.27 4.27
N GLY D 19 -13.09 13.09 4.45
CA GLY D 19 -13.21 12.37 5.70
C GLY D 19 -14.17 11.20 5.60
N GLY D 20 -14.43 10.61 6.76
CA GLY D 20 -15.27 9.44 6.88
C GLY D 20 -14.46 8.19 7.20
N GLN D 21 -15.20 7.12 7.46
CA GLN D 21 -14.56 5.84 7.71
C GLN D 21 -13.90 5.33 6.43
N PRO D 22 -12.85 4.52 6.55
CA PRO D 22 -12.21 3.97 5.35
C PRO D 22 -13.17 3.15 4.51
N GLY D 23 -13.48 3.64 3.31
CA GLY D 23 -14.45 3.03 2.43
C GLY D 23 -15.75 3.82 2.31
N GLU D 24 -16.06 4.66 3.30
CA GLU D 24 -17.28 5.45 3.23
C GLU D 24 -17.26 6.40 2.04
N ASN D 25 -16.16 7.13 1.86
CA ASN D 25 -16.06 8.12 0.82
C ASN D 25 -14.89 7.79 -0.11
N PRO D 26 -15.06 8.02 -1.42
CA PRO D 26 -13.94 7.80 -2.33
C PRO D 26 -12.77 8.73 -2.02
N THR D 27 -11.56 8.21 -2.25
CA THR D 27 -10.35 8.95 -1.92
C THR D 27 -10.26 10.23 -2.75
N VAL D 28 -9.96 11.33 -2.08
CA VAL D 28 -9.74 12.61 -2.77
C VAL D 28 -8.32 12.63 -3.31
N LEU D 29 -8.15 13.20 -4.50
CA LEU D 29 -6.86 13.20 -5.20
C LEU D 29 -6.48 14.64 -5.52
N VAL D 30 -5.82 15.29 -4.58
CA VAL D 30 -5.32 16.64 -4.81
C VAL D 30 -4.19 16.60 -5.83
N SER D 31 -4.22 17.51 -6.80
CA SER D 31 -3.28 17.49 -7.92
C SER D 31 -2.57 18.82 -8.01
N THR D 32 -1.25 18.80 -7.84
CA THR D 32 -0.46 20.02 -7.88
C THR D 32 -0.32 20.54 -9.29
N MET D 33 -0.53 21.84 -9.48
CA MET D 33 -0.35 22.49 -10.78
C MET D 33 0.44 23.77 -10.59
N PHE D 34 1.07 24.21 -11.68
CA PHE D 34 1.90 25.42 -11.71
C PHE D 34 3.03 25.35 -10.69
N TYR D 35 3.57 24.15 -10.47
CA TYR D 35 4.63 23.95 -9.50
C TYR D 35 5.96 24.46 -10.05
N ALA D 36 7.03 24.22 -9.29
CA ALA D 36 8.36 24.63 -9.70
C ALA D 36 8.76 23.94 -11.00
N ARG D 37 9.17 24.74 -11.98
CA ARG D 37 9.63 24.25 -13.29
C ARG D 37 8.54 23.47 -14.03
N HIS D 38 7.28 23.87 -13.87
CA HIS D 38 6.22 23.34 -14.72
C HIS D 38 6.46 23.78 -16.16
N LYS D 39 6.27 22.85 -17.10
CA LYS D 39 6.54 23.14 -18.50
C LYS D 39 5.66 24.29 -18.99
N ILE D 40 4.38 24.29 -18.59
CA ILE D 40 3.46 25.32 -19.05
C ILE D 40 3.89 26.70 -18.55
N VAL D 41 4.33 26.78 -17.29
CA VAL D 41 4.70 28.07 -16.71
C VAL D 41 5.97 28.58 -17.38
N THR D 42 5.87 29.72 -18.05
CA THR D 42 7.00 30.35 -18.71
C THR D 42 7.63 31.46 -17.88
N ASP D 43 6.83 32.30 -17.25
CA ASP D 43 7.31 33.33 -16.34
C ASP D 43 6.82 32.97 -14.94
N GLU D 44 7.72 32.41 -14.13
CA GLU D 44 7.36 31.93 -12.80
C GLU D 44 6.96 33.07 -11.87
N ASP D 45 7.27 34.32 -12.21
CA ASP D 45 7.05 35.45 -11.31
C ASP D 45 5.83 36.28 -11.68
N LYS D 46 5.49 36.40 -12.95
CA LYS D 46 4.29 37.12 -13.38
C LYS D 46 3.14 36.19 -13.72
N GLY D 47 3.31 34.88 -13.50
CA GLY D 47 2.27 33.90 -13.73
C GLY D 47 1.67 33.96 -15.12
N ILE D 48 2.49 33.71 -16.13
CA ILE D 48 2.02 33.77 -17.52
C ILE D 48 1.43 32.43 -17.91
N PHE D 49 2.27 31.39 -17.90
CA PHE D 49 1.96 30.02 -18.30
C PHE D 49 1.20 29.89 -19.62
N ASP D 50 1.05 28.65 -20.10
CA ASP D 50 0.46 28.44 -21.42
C ASP D 50 -0.99 28.86 -21.47
N ARG D 51 -1.78 28.49 -20.45
CA ARG D 51 -3.21 28.75 -20.33
C ARG D 51 -4.01 28.00 -21.37
N ALA D 52 -3.37 27.26 -22.27
CA ALA D 52 -4.05 26.42 -23.25
C ALA D 52 -3.80 24.95 -22.97
N ALA D 53 -2.55 24.55 -22.76
CA ALA D 53 -2.27 23.22 -22.26
C ALA D 53 -2.67 23.07 -20.80
N ALA D 54 -2.82 24.19 -20.08
CA ALA D 54 -3.25 24.12 -18.69
C ALA D 54 -4.65 23.54 -18.58
N GLU D 55 -5.54 23.92 -19.50
CA GLU D 55 -6.86 23.29 -19.55
C GLU D 55 -6.73 21.81 -19.87
N THR D 56 -5.81 21.45 -20.78
CA THR D 56 -5.66 20.05 -21.17
C THR D 56 -5.21 19.18 -20.01
N LEU D 57 -4.43 19.73 -19.08
CA LEU D 57 -4.04 18.99 -17.89
C LEU D 57 -5.15 18.90 -16.88
N TRP D 58 -6.15 19.78 -16.96
CA TRP D 58 -7.27 19.79 -16.03
C TRP D 58 -8.49 19.05 -16.57
N ASN D 59 -8.71 19.09 -17.89
CA ASN D 59 -9.77 18.29 -18.48
C ASN D 59 -9.47 16.81 -18.42
N THR D 60 -8.19 16.44 -18.45
CA THR D 60 -7.81 15.03 -18.34
C THR D 60 -8.23 14.45 -17.00
N GLN D 61 -8.04 15.20 -15.92
CA GLN D 61 -8.37 14.70 -14.61
C GLN D 61 -9.88 14.61 -14.41
N VAL D 62 -10.64 15.54 -14.99
CA VAL D 62 -12.10 15.51 -14.87
C VAL D 62 -12.65 14.27 -15.55
N SER D 63 -12.17 13.98 -16.76
CA SER D 63 -12.63 12.80 -17.48
C SER D 63 -12.26 11.52 -16.74
N LEU D 64 -11.03 11.45 -16.22
CA LEU D 64 -10.62 10.28 -15.45
C LEU D 64 -11.43 10.15 -14.17
N SER D 65 -11.66 11.27 -13.48
CA SER D 65 -12.47 11.24 -12.27
C SER D 65 -13.92 10.89 -12.56
N ASP D 66 -14.41 11.16 -13.76
CA ASP D 66 -15.74 10.74 -14.16
C ASP D 66 -15.79 9.29 -14.64
N ALA D 67 -14.63 8.66 -14.82
CA ALA D 67 -14.54 7.24 -15.16
C ALA D 67 -14.25 6.38 -13.93
N THR D 68 -13.45 6.89 -13.00
CA THR D 68 -13.11 6.15 -11.80
C THR D 68 -14.02 6.46 -10.63
N GLY D 69 -14.51 7.69 -10.53
CA GLY D 69 -15.36 8.10 -9.43
C GLY D 69 -14.64 8.76 -8.28
N LEU D 70 -13.33 8.94 -8.38
CA LEU D 70 -12.56 9.54 -7.29
C LEU D 70 -12.64 11.06 -7.39
N PRO D 71 -12.91 11.76 -6.28
CA PRO D 71 -12.96 13.22 -6.34
C PRO D 71 -11.60 13.80 -6.71
N TYR D 72 -11.65 14.96 -7.35
CA TYR D 72 -10.44 15.65 -7.79
C TYR D 72 -10.44 17.06 -7.24
N VAL D 73 -9.29 17.48 -6.71
CA VAL D 73 -9.09 18.82 -6.17
C VAL D 73 -7.77 19.34 -6.71
N ASN D 74 -7.73 20.63 -7.04
CA ASN D 74 -6.52 21.25 -7.55
C ASN D 74 -5.72 21.87 -6.40
N GLN D 75 -4.41 21.96 -6.59
CA GLN D 75 -3.51 22.61 -5.64
C GLN D 75 -2.69 23.64 -6.40
N ILE D 76 -3.10 24.90 -6.33
CA ILE D 76 -2.41 25.98 -7.02
C ILE D 76 -1.17 26.35 -6.22
N VAL D 77 -0.01 26.30 -6.86
CA VAL D 77 1.26 26.57 -6.21
C VAL D 77 1.86 27.83 -6.82
N GLY D 78 2.12 28.83 -5.99
CA GLY D 78 2.71 30.07 -6.45
C GLY D 78 3.84 30.50 -5.53
N GLU D 79 4.72 31.34 -6.08
CA GLU D 79 5.88 31.81 -5.35
C GLU D 79 5.84 33.30 -5.04
N THR D 80 5.08 34.09 -5.80
CA THR D 80 4.98 35.52 -5.60
C THR D 80 3.51 35.91 -5.48
N PRO D 81 3.21 37.00 -4.78
CA PRO D 81 1.80 37.39 -4.60
C PRO D 81 1.09 37.66 -5.92
N GLU D 82 1.80 38.16 -6.93
CA GLU D 82 1.17 38.40 -8.23
C GLU D 82 0.94 37.10 -8.98
N SER D 83 1.85 36.15 -8.84
CA SER D 83 1.72 34.89 -9.57
C SER D 83 0.52 34.08 -9.07
N ILE D 84 0.38 33.96 -7.74
CA ILE D 84 -0.69 33.13 -7.19
C ILE D 84 -2.06 33.71 -7.54
N LYS D 85 -2.19 35.03 -7.56
CA LYS D 85 -3.45 35.65 -7.95
C LYS D 85 -3.77 35.36 -9.40
N ARG D 86 -2.74 35.22 -10.24
CA ARG D 86 -2.97 34.93 -11.66
C ARG D 86 -3.50 33.52 -11.86
N TYR D 87 -3.06 32.57 -11.03
CA TYR D 87 -3.50 31.19 -11.18
C TYR D 87 -4.93 31.00 -10.68
N ILE D 88 -5.27 31.62 -9.54
CA ILE D 88 -6.62 31.49 -8.99
C ILE D 88 -7.65 32.06 -9.95
N GLU D 89 -7.32 33.20 -10.59
CA GLU D 89 -8.25 33.80 -11.54
C GLU D 89 -8.52 32.88 -12.72
N TRP D 90 -7.48 32.21 -13.23
CA TRP D 90 -7.67 31.28 -14.32
C TRP D 90 -8.48 30.07 -13.88
N PHE D 91 -8.10 29.45 -12.75
CA PHE D 91 -8.75 28.23 -12.31
C PHE D 91 -10.23 28.45 -12.03
N VAL D 92 -10.58 29.56 -11.38
CA VAL D 92 -11.97 29.86 -11.11
C VAL D 92 -12.71 30.19 -12.40
N GLY D 93 -12.00 30.62 -13.42
CA GLY D 93 -12.61 30.92 -14.71
C GLY D 93 -12.81 29.73 -15.62
N ILE D 94 -12.29 28.56 -15.25
CA ILE D 94 -12.52 27.33 -15.99
C ILE D 94 -13.38 26.35 -15.21
N ASP D 95 -13.16 26.25 -13.90
CA ASP D 95 -13.94 25.36 -13.04
C ASP D 95 -14.63 26.20 -11.97
N ASP D 96 -15.92 25.97 -11.78
CA ASP D 96 -16.72 26.78 -10.89
C ASP D 96 -17.15 26.08 -9.60
N ARG D 97 -16.88 24.78 -9.47
CA ARG D 97 -17.29 24.05 -8.28
C ARG D 97 -16.16 23.36 -7.54
N THR D 98 -15.12 22.92 -8.24
CA THR D 98 -14.06 22.14 -7.60
C THR D 98 -13.23 23.05 -6.70
N PRO D 99 -12.95 22.66 -5.46
CA PRO D 99 -12.13 23.48 -4.58
C PRO D 99 -10.67 23.49 -5.02
N PHE D 100 -9.87 24.33 -4.35
CA PHE D 100 -8.45 24.37 -4.63
C PHE D 100 -7.69 24.68 -3.36
N LEU D 101 -6.41 24.26 -3.35
CA LEU D 101 -5.50 24.56 -2.26
C LEU D 101 -4.55 25.65 -2.73
N ILE D 102 -4.65 26.83 -2.14
CA ILE D 102 -3.72 27.91 -2.49
C ILE D 102 -2.42 27.67 -1.72
N ASP D 103 -1.50 26.94 -2.34
CA ASP D 103 -0.26 26.52 -1.71
C ASP D 103 0.86 27.48 -2.07
N SER D 104 1.74 27.74 -1.10
CA SER D 104 2.92 28.56 -1.30
C SER D 104 3.83 28.42 -0.10
N SER D 105 5.14 28.49 -0.35
CA SER D 105 6.09 28.38 0.74
C SER D 105 6.10 29.63 1.60
N ALA D 106 6.08 30.81 0.99
CA ALA D 106 6.15 32.05 1.73
C ALA D 106 4.79 32.39 2.35
N GLY D 107 4.83 32.88 3.58
CA GLY D 107 3.60 33.24 4.26
C GLY D 107 2.87 34.40 3.62
N ASN D 108 3.62 35.42 3.20
CA ASN D 108 3.00 36.62 2.63
C ASN D 108 2.25 36.33 1.35
N VAL D 109 2.60 35.25 0.64
CA VAL D 109 1.91 34.90 -0.58
C VAL D 109 0.60 34.17 -0.28
N ARG D 110 0.63 33.28 0.71
CA ARG D 110 -0.59 32.55 1.09
C ARG D 110 -1.65 33.50 1.63
N ALA D 111 -1.24 34.47 2.45
CA ALA D 111 -2.20 35.45 2.96
C ALA D 111 -2.77 36.30 1.81
N ALA D 112 -1.92 36.68 0.85
CA ALA D 112 -2.39 37.44 -0.29
C ALA D 112 -3.42 36.65 -1.09
N ALA D 113 -3.16 35.36 -1.31
CA ALA D 113 -4.12 34.52 -2.02
C ALA D 113 -5.41 34.36 -1.23
N ALA D 114 -5.30 34.12 0.08
CA ALA D 114 -6.49 33.97 0.91
C ALA D 114 -7.29 35.26 0.96
N GLN D 115 -6.61 36.40 1.00
CA GLN D 115 -7.31 37.68 0.94
C GLN D 115 -7.89 37.94 -0.44
N TYR D 116 -7.18 37.54 -1.49
CA TYR D 116 -7.67 37.78 -2.84
C TYR D 116 -8.93 36.97 -3.13
N CYS D 117 -8.96 35.71 -2.69
CA CYS D 117 -10.13 34.87 -2.94
C CYS D 117 -11.38 35.43 -2.28
N THR D 118 -11.22 36.11 -1.15
CA THR D 118 -12.36 36.76 -0.50
C THR D 118 -12.95 37.84 -1.40
N GLU D 119 -12.10 38.67 -2.00
CA GLU D 119 -12.58 39.76 -2.84
C GLU D 119 -13.18 39.25 -4.15
N ILE D 120 -12.69 38.13 -4.67
CA ILE D 120 -13.21 37.63 -5.93
C ILE D 120 -14.57 36.97 -5.74
N GLY D 121 -14.84 36.44 -4.55
CA GLY D 121 -16.10 35.79 -4.25
C GLY D 121 -16.00 34.29 -4.14
N VAL D 122 -14.86 33.70 -4.48
CA VAL D 122 -14.65 32.27 -4.30
C VAL D 122 -13.68 32.06 -3.15
N ALA D 123 -14.22 31.95 -1.93
CA ALA D 123 -13.41 31.66 -0.76
C ALA D 123 -14.01 30.53 0.08
N ASP D 124 -15.23 30.09 -0.19
CA ASP D 124 -15.70 28.83 0.35
C ASP D 124 -15.01 27.65 -0.32
N ARG D 125 -14.34 27.89 -1.44
CA ARG D 125 -13.60 26.86 -2.16
C ARG D 125 -12.15 26.75 -1.71
N ALA D 126 -11.54 27.86 -1.29
CA ALA D 126 -10.14 27.86 -0.91
C ALA D 126 -9.89 26.91 0.26
N ILE D 127 -8.79 26.17 0.17
CA ILE D 127 -8.47 25.15 1.16
C ILE D 127 -7.08 25.55 1.67
N HIS D 128 -6.87 26.86 1.86
CA HIS D 128 -5.55 27.46 2.05
C HIS D 128 -4.63 26.57 2.87
N ASN D 129 -3.53 26.14 2.25
CA ASN D 129 -2.78 24.98 2.72
C ASN D 129 -1.53 25.42 3.47
N SER D 130 -1.77 26.00 4.65
CA SER D 130 -0.77 25.99 5.71
C SER D 130 -1.34 26.45 7.05
N ILE D 131 -1.31 25.58 8.06
CA ILE D 131 -1.38 25.99 9.46
C ILE D 131 -0.27 25.21 10.15
N ASN D 132 0.92 25.78 10.20
CA ASN D 132 2.10 25.09 10.71
C ASN D 132 2.68 25.85 11.90
N ALA D 133 3.56 25.18 12.64
CA ALA D 133 4.20 25.80 13.78
C ALA D 133 5.06 26.99 13.38
N SER D 134 5.49 27.06 12.12
CA SER D 134 6.25 28.20 11.61
C SER D 134 5.31 29.21 10.94
N ILE D 135 4.34 29.69 11.71
CA ILE D 135 3.37 30.67 11.24
C ILE D 135 3.63 31.98 11.98
N GLU D 136 3.69 33.08 11.24
CA GLU D 136 3.90 34.38 11.84
C GLU D 136 2.57 35.05 12.17
N GLN D 137 2.63 36.07 13.02
CA GLN D 137 1.44 36.82 13.38
C GLN D 137 0.82 37.50 12.17
N SER D 138 1.62 37.79 11.14
CA SER D 138 1.08 38.47 9.96
C SER D 138 0.08 37.59 9.22
N GLU D 139 0.36 36.29 9.10
CA GLU D 139 -0.50 35.43 8.28
C GLU D 139 -1.79 35.07 9.00
N ILE D 140 -1.72 34.83 10.31
CA ILE D 140 -2.93 34.48 11.05
C ILE D 140 -3.90 35.65 11.10
N ASP D 141 -3.38 36.88 11.13
CA ASP D 141 -4.24 38.05 11.23
C ASP D 141 -4.95 38.37 9.93
N VAL D 142 -4.46 37.90 8.80
CA VAL D 142 -5.10 38.14 7.51
C VAL D 142 -6.00 36.97 7.18
N LEU D 143 -5.62 35.77 7.63
CA LEU D 143 -6.47 34.60 7.47
C LEU D 143 -7.75 34.71 8.29
N THR D 144 -7.73 35.47 9.39
CA THR D 144 -8.93 35.64 10.19
C THR D 144 -9.94 36.55 9.50
N GLU D 145 -9.45 37.60 8.83
CA GLU D 145 -10.34 38.50 8.11
C GLU D 145 -10.86 37.87 6.82
N SER D 146 -10.04 37.07 6.15
CA SER D 146 -10.45 36.41 4.92
C SER D 146 -11.53 35.37 5.22
N ASP D 147 -12.42 35.17 4.26
CA ASP D 147 -13.53 34.23 4.41
C ASP D 147 -13.13 32.82 3.97
N VAL D 148 -12.02 32.32 4.50
CA VAL D 148 -11.56 30.97 4.22
C VAL D 148 -11.89 30.10 5.44
N SER D 149 -12.77 29.12 5.24
CA SER D 149 -13.25 28.29 6.33
C SER D 149 -12.57 26.92 6.38
N ALA D 150 -11.63 26.65 5.49
CA ALA D 150 -10.91 25.38 5.47
C ALA D 150 -9.42 25.63 5.37
N ALA D 151 -8.64 24.77 6.01
CA ALA D 151 -7.19 24.91 6.00
C ALA D 151 -6.55 23.57 6.28
N ILE D 152 -5.34 23.40 5.77
CA ILE D 152 -4.58 22.16 5.90
C ILE D 152 -3.66 22.31 7.10
N VAL D 153 -4.07 21.76 8.24
CA VAL D 153 -3.28 21.83 9.46
C VAL D 153 -2.13 20.83 9.34
N LEU D 154 -0.91 21.33 9.27
CA LEU D 154 0.27 20.50 9.03
C LEU D 154 0.87 20.07 10.37
N ALA D 155 0.91 18.75 10.61
CA ALA D 155 1.40 18.20 11.88
C ALA D 155 2.89 17.91 11.74
N PHE D 156 3.70 18.97 11.85
CA PHE D 156 5.15 18.89 11.67
C PHE D 156 5.84 19.38 12.94
N ASN D 157 6.29 18.43 13.77
CA ASN D 157 7.20 18.71 14.88
C ASN D 157 8.64 18.51 14.45
N ALA D 158 9.36 19.62 14.25
CA ALA D 158 10.78 19.52 13.94
C ALA D 158 11.56 18.87 15.07
N THR D 159 11.16 19.13 16.31
CA THR D 159 11.90 18.62 17.47
C THR D 159 11.63 17.13 17.71
N ASP D 160 10.39 16.70 17.54
CA ASP D 160 9.98 15.34 17.89
C ASP D 160 9.52 14.58 16.64
N PRO D 161 10.38 13.76 16.04
CA PRO D 161 10.02 13.01 14.83
C PRO D 161 9.31 11.69 15.11
N THR D 162 8.29 11.74 15.97
CA THR D 162 7.53 10.55 16.33
C THR D 162 6.04 10.81 16.15
N VAL D 163 5.25 9.74 16.23
CA VAL D 163 3.80 9.87 16.12
C VAL D 163 3.24 10.66 17.28
N LYS D 164 3.81 10.52 18.48
CA LYS D 164 3.41 11.37 19.59
C LYS D 164 3.70 12.82 19.30
N GLY D 165 4.80 13.10 18.60
CA GLY D 165 5.09 14.47 18.21
C GLY D 165 4.05 15.05 17.28
N LYS D 166 3.51 14.23 16.37
CA LYS D 166 2.44 14.70 15.50
C LYS D 166 1.19 15.07 16.30
N ILE D 167 0.87 14.27 17.33
CA ILE D 167 -0.31 14.56 18.14
C ILE D 167 -0.13 15.87 18.91
N ASP D 168 1.07 16.10 19.47
CA ASP D 168 1.24 17.19 20.42
C ASP D 168 1.17 18.56 19.74
N ILE D 169 1.74 18.69 18.54
CA ILE D 169 1.60 19.96 17.81
C ILE D 169 0.16 20.22 17.42
N LEU D 170 -0.67 19.18 17.35
CA LEU D 170 -2.07 19.39 17.02
C LEU D 170 -2.91 19.68 18.25
N GLU D 171 -2.62 19.02 19.37
CA GLU D 171 -3.42 19.16 20.58
C GLU D 171 -2.80 20.15 21.56
N VAL D 172 -1.58 19.91 21.99
CA VAL D 172 -0.97 20.74 23.03
C VAL D 172 -0.12 21.85 22.43
N GLY D 173 0.73 21.54 21.47
CA GLY D 173 1.61 22.55 20.89
C GLY D 173 3.05 22.40 21.32
N GLY D 174 3.97 22.50 20.37
CA GLY D 174 5.38 22.34 20.65
C GLY D 174 6.16 23.63 20.49
N SER D 175 7.16 23.62 19.63
CA SER D 175 7.89 24.85 19.30
C SER D 175 6.92 25.94 18.90
N GLY D 176 6.93 27.05 19.64
CA GLY D 176 5.81 27.97 19.60
C GLY D 176 4.81 27.57 20.66
N GLN D 177 5.27 27.55 21.91
CA GLN D 177 4.55 26.96 23.03
C GLN D 177 3.09 27.40 23.06
N THR D 178 2.23 26.47 23.50
CA THR D 178 0.78 26.59 23.69
C THR D 178 0.07 26.95 22.39
N LYS D 179 -1.25 26.84 22.38
CA LYS D 179 -2.08 27.08 21.19
C LYS D 179 -1.64 26.17 20.04
N GLY D 180 -1.88 24.88 20.25
CA GLY D 180 -1.62 23.88 19.23
C GLY D 180 -2.29 24.19 17.91
N MET D 181 -1.71 23.73 16.81
CA MET D 181 -2.15 24.17 15.48
C MET D 181 -3.60 23.83 15.19
N LEU D 182 -4.15 22.78 15.81
CA LEU D 182 -5.58 22.53 15.67
C LEU D 182 -6.41 23.53 16.44
N GLN D 183 -5.81 24.26 17.38
CA GLN D 183 -6.52 25.28 18.14
C GLN D 183 -6.13 26.70 17.74
N VAL D 184 -5.07 26.86 16.95
CA VAL D 184 -4.85 28.14 16.28
C VAL D 184 -5.84 28.33 15.14
N ALA D 185 -6.13 27.25 14.40
CA ALA D 185 -7.01 27.34 13.24
C ALA D 185 -8.42 27.73 13.64
N LYS D 186 -8.91 27.22 14.78
CA LYS D 186 -10.25 27.58 15.22
C LYS D 186 -10.37 29.07 15.48
N GLU D 187 -9.30 29.70 15.98
CA GLU D 187 -9.32 31.10 16.34
C GLU D 187 -8.91 32.01 15.19
N CYS D 188 -8.68 31.45 14.00
CA CYS D 188 -8.45 32.25 12.80
C CYS D 188 -9.54 32.01 11.75
N GLY D 189 -10.68 31.47 12.17
CA GLY D 189 -11.85 31.33 11.31
C GLY D 189 -12.00 29.97 10.67
N ILE D 190 -10.96 29.14 10.68
CA ILE D 190 -11.03 27.85 10.01
C ILE D 190 -12.11 27.00 10.65
N LYS D 191 -13.13 26.66 9.88
CA LYS D 191 -14.25 25.86 10.34
C LYS D 191 -14.11 24.38 10.02
N TYR D 192 -13.34 24.04 8.97
CA TYR D 192 -13.14 22.67 8.51
C TYR D 192 -11.65 22.36 8.57
N PRO D 193 -11.14 21.96 9.73
CA PRO D 193 -9.71 21.69 9.88
C PRO D 193 -9.33 20.34 9.26
N ILE D 194 -8.53 20.40 8.20
CA ILE D 194 -8.06 19.21 7.51
C ILE D 194 -6.61 18.96 7.93
N ILE D 195 -6.31 17.76 8.39
CA ILE D 195 -5.02 17.45 8.97
C ILE D 195 -4.08 16.92 7.91
N ASP D 196 -2.83 17.39 7.94
CA ASP D 196 -1.75 16.89 7.09
C ASP D 196 -0.73 16.21 7.98
N VAL D 197 -0.25 15.03 7.57
CA VAL D 197 0.66 14.26 8.42
C VAL D 197 2.11 14.63 8.22
N ALA D 198 2.43 15.53 7.28
CA ALA D 198 3.79 16.06 7.12
C ALA D 198 4.79 14.94 6.87
N ALA D 199 4.63 14.30 5.71
CA ALA D 199 5.45 13.15 5.33
C ALA D 199 6.94 13.44 5.40
N MET D 200 7.63 12.78 6.33
CA MET D 200 9.06 12.95 6.52
C MET D 200 9.83 12.08 5.53
N PRO D 201 11.07 12.43 5.23
CA PRO D 201 11.82 11.70 4.20
C PRO D 201 12.14 10.27 4.65
N LEU D 202 12.32 9.40 3.66
CA LEU D 202 12.56 8.00 3.93
C LEU D 202 13.86 7.82 4.71
N GLY D 203 13.79 7.03 5.78
CA GLY D 203 14.91 6.81 6.66
C GLY D 203 14.94 7.69 7.88
N ALA D 204 14.11 8.73 7.93
CA ALA D 204 14.06 9.62 9.10
C ALA D 204 12.63 10.12 9.21
N GLY D 205 11.83 9.44 10.03
CA GLY D 205 10.44 9.81 10.22
C GLY D 205 9.48 9.28 9.19
N SER D 206 9.91 8.37 8.32
CA SER D 206 9.02 7.80 7.33
C SER D 206 8.16 6.67 7.88
N GLY D 207 8.49 6.17 9.06
CA GLY D 207 7.65 5.17 9.69
C GLY D 207 6.54 5.82 10.49
N ALA D 208 6.85 6.94 11.13
CA ALA D 208 5.83 7.71 11.85
C ALA D 208 4.82 8.35 10.91
N THR D 209 5.16 8.49 9.63
CA THR D 209 4.21 9.09 8.70
C THR D 209 3.07 8.14 8.38
N ILE D 210 3.35 6.85 8.26
CA ILE D 210 2.29 5.89 7.94
C ILE D 210 1.53 5.47 9.19
N ARG D 211 2.20 5.41 10.34
CA ARG D 211 1.49 5.10 11.57
C ARG D 211 0.72 6.27 12.13
N SER D 212 0.92 7.48 11.59
CA SER D 212 0.12 8.63 12.00
C SER D 212 -1.21 8.68 11.27
N VAL D 213 -1.33 8.01 10.12
CA VAL D 213 -2.60 8.00 9.40
C VAL D 213 -3.71 7.34 10.20
N PRO D 214 -3.53 6.14 10.79
CA PRO D 214 -4.59 5.61 11.67
C PRO D 214 -4.54 6.17 13.08
N THR D 215 -3.50 6.92 13.44
CA THR D 215 -3.40 7.46 14.79
C THR D 215 -4.12 8.79 14.92
N LEU D 216 -3.75 9.77 14.09
CA LEU D 216 -4.40 11.07 14.17
C LEU D 216 -5.84 11.01 13.70
N LYS D 217 -6.19 10.02 12.86
CA LYS D 217 -7.56 9.89 12.41
C LYS D 217 -8.45 9.34 13.53
N GLY D 218 -7.96 8.36 14.27
CA GLY D 218 -8.71 7.80 15.37
C GLY D 218 -8.64 8.58 16.66
N LYS D 219 -7.90 9.68 16.68
CA LYS D 219 -7.80 10.54 17.85
C LYS D 219 -8.56 11.85 17.69
N PHE D 220 -8.45 12.49 16.53
CA PHE D 220 -9.15 13.74 16.27
C PHE D 220 -10.41 13.58 15.45
N GLY D 221 -10.44 12.61 14.54
CA GLY D 221 -11.61 12.38 13.70
C GLY D 221 -11.67 13.21 12.45
N LEU D 222 -10.74 14.15 12.25
CA LEU D 222 -10.73 15.00 11.08
C LEU D 222 -10.07 14.29 9.90
N PRO D 223 -10.35 14.74 8.68
CA PRO D 223 -9.75 14.08 7.51
C PRO D 223 -8.23 14.11 7.56
N ILE D 224 -7.63 13.04 7.05
CA ILE D 224 -6.19 12.81 7.15
C ILE D 224 -5.61 12.58 5.77
N GLY D 225 -4.47 13.18 5.50
CA GLY D 225 -3.79 12.97 4.24
C GLY D 225 -2.39 13.52 4.29
N GLY D 226 -1.85 13.80 3.12
CA GLY D 226 -0.54 14.40 3.04
C GLY D 226 0.14 14.09 1.73
N GLY D 227 1.29 14.71 1.54
CA GLY D 227 2.08 14.50 0.34
C GLY D 227 3.05 13.35 0.49
N TYR D 228 2.53 12.12 0.47
CA TYR D 228 3.38 10.95 0.69
C TYR D 228 4.35 10.73 -0.46
N HIS D 229 4.10 11.30 -1.64
CA HIS D 229 5.01 11.12 -2.75
C HIS D 229 6.37 11.75 -2.49
N ASN D 230 6.45 12.69 -1.54
CA ASN D 230 7.72 13.30 -1.20
C ASN D 230 8.69 12.31 -0.56
N MET D 231 8.18 11.23 0.05
CA MET D 231 9.07 10.22 0.61
C MET D 231 9.90 9.55 -0.48
N ALA D 232 9.29 9.26 -1.62
CA ALA D 232 9.99 8.58 -2.71
C ALA D 232 10.78 9.53 -3.57
N SER D 233 10.27 10.74 -3.81
CA SER D 233 10.99 11.71 -4.62
C SER D 233 12.27 12.20 -3.94
N ALA D 234 12.34 12.12 -2.61
CA ALA D 234 13.53 12.53 -1.86
C ALA D 234 14.32 11.33 -1.36
N TRP D 235 14.30 10.22 -2.09
CA TRP D 235 15.05 9.03 -1.72
C TRP D 235 16.38 9.04 -2.46
N ASP D 236 17.48 9.01 -1.71
CA ASP D 236 18.80 9.10 -2.34
C ASP D 236 19.15 7.84 -3.09
N TRP D 237 18.88 6.66 -2.51
CA TRP D 237 19.24 5.41 -3.17
C TRP D 237 18.49 5.23 -4.48
N LEU D 238 17.20 5.56 -4.50
CA LEU D 238 16.41 5.36 -5.71
C LEU D 238 16.93 6.22 -6.86
N ARG D 239 17.37 7.44 -6.56
CA ARG D 239 17.89 8.31 -7.61
C ARG D 239 19.11 7.71 -8.28
N LYS D 240 19.99 7.07 -7.50
CA LYS D 240 21.18 6.45 -8.08
C LYS D 240 20.81 5.23 -8.91
N PHE D 241 19.97 4.34 -8.37
CA PHE D 241 19.60 3.13 -9.09
C PHE D 241 18.75 3.45 -10.32
N LYS D 242 17.85 4.41 -10.21
CA LYS D 242 16.95 4.74 -11.31
C LYS D 242 17.73 5.17 -12.55
N LYS D 243 18.77 5.99 -12.37
CA LYS D 243 19.50 6.54 -13.50
C LYS D 243 20.34 5.51 -14.24
N THR D 244 20.50 4.30 -13.70
CA THR D 244 21.22 3.25 -14.39
C THR D 244 20.32 2.39 -15.27
N GLN D 245 19.04 2.30 -14.94
CA GLN D 245 18.14 1.46 -15.70
C GLN D 245 17.83 2.09 -17.07
N PRO D 246 17.48 1.27 -18.06
CA PRO D 246 17.18 1.83 -19.39
C PRO D 246 16.05 2.85 -19.38
N ASP D 247 15.02 2.63 -18.57
CA ASP D 247 13.85 3.51 -18.50
C ASP D 247 13.75 4.06 -17.08
N PRO D 248 14.30 5.24 -16.82
CA PRO D 248 14.30 5.76 -15.44
C PRO D 248 12.91 5.99 -14.87
N LYS D 249 11.94 6.40 -15.69
CA LYS D 249 10.62 6.71 -15.15
C LYS D 249 9.86 5.45 -14.78
N ALA D 250 10.00 4.38 -15.56
CA ALA D 250 9.26 3.15 -15.29
C ALA D 250 9.73 2.48 -14.00
N ILE D 251 10.94 2.78 -13.54
CA ILE D 251 11.40 2.27 -12.25
C ILE D 251 10.90 3.15 -11.11
N TYR D 252 10.83 4.45 -11.33
CA TYR D 252 10.51 5.39 -10.26
C TYR D 252 9.02 5.46 -9.99
N MET D 253 8.19 5.43 -11.03
CA MET D 253 6.76 5.66 -10.84
C MET D 253 6.08 4.63 -9.93
N PRO D 254 6.31 3.32 -10.07
CA PRO D 254 5.69 2.39 -9.11
C PRO D 254 6.07 2.68 -7.66
N THR D 255 7.29 3.16 -7.43
CA THR D 255 7.69 3.54 -6.07
C THR D 255 7.00 4.83 -5.64
N ASP D 256 6.96 5.83 -6.52
CA ASP D 256 6.33 7.10 -6.19
C ASP D 256 4.84 6.94 -5.98
N ILE D 257 4.17 6.18 -6.85
CA ILE D 257 2.74 5.94 -6.69
C ILE D 257 2.47 5.10 -5.46
N GLY D 258 3.34 4.13 -5.16
CA GLY D 258 3.14 3.26 -4.02
C GLY D 258 3.13 3.95 -2.69
N THR D 259 3.75 5.14 -2.59
CA THR D 259 3.68 5.89 -1.34
C THR D 259 2.25 6.30 -1.00
N ASN D 260 1.40 6.45 -2.01
CA ASN D 260 0.02 6.85 -1.78
C ASN D 260 -0.88 5.67 -1.47
N LEU D 261 -0.70 4.54 -2.18
CA LEU D 261 -1.49 3.35 -1.90
C LEU D 261 -1.21 2.81 -0.51
N VAL D 262 0.05 2.83 -0.08
CA VAL D 262 0.40 2.37 1.26
C VAL D 262 -0.30 3.21 2.31
N ALA D 263 -0.28 4.53 2.13
CA ALA D 263 -0.92 5.42 3.09
C ALA D 263 -2.44 5.48 2.91
N GLN D 264 -2.95 5.09 1.75
CA GLN D 264 -4.40 5.09 1.54
C GLN D 264 -5.07 3.94 2.28
N ILE D 265 -4.47 2.75 2.24
CA ILE D 265 -5.02 1.61 2.97
C ILE D 265 -4.97 1.85 4.47
N ALA D 266 -4.08 2.72 4.93
CA ALA D 266 -4.01 3.05 6.35
C ALA D 266 -5.18 3.91 6.80
N GLY D 267 -5.82 4.63 5.89
CA GLY D 267 -6.98 5.42 6.24
C GLY D 267 -6.94 6.85 5.75
N SER D 268 -5.99 7.17 4.88
CA SER D 268 -5.88 8.53 4.37
C SER D 268 -7.09 8.89 3.55
N ASP D 269 -7.59 10.11 3.75
CA ASP D 269 -8.81 10.56 3.11
C ASP D 269 -8.57 11.40 1.86
N TYR D 270 -7.41 12.05 1.75
CA TYR D 270 -7.02 12.75 0.54
C TYR D 270 -5.54 12.49 0.29
N LEU D 271 -5.14 12.63 -0.97
CA LEU D 271 -3.79 12.27 -1.40
C LEU D 271 -3.22 13.38 -2.26
N LEU D 272 -2.14 14.00 -1.79
CA LEU D 272 -1.38 14.95 -2.59
C LEU D 272 -0.38 14.14 -3.40
N TYR D 273 -0.77 13.78 -4.63
CA TYR D 273 0.02 12.85 -5.42
C TYR D 273 1.04 13.54 -6.32
N GLY D 274 1.16 14.86 -6.24
CA GLY D 274 2.21 15.56 -6.94
C GLY D 274 1.74 16.19 -8.23
N PRO D 275 2.63 16.26 -9.22
CA PRO D 275 2.30 16.93 -10.48
C PRO D 275 1.07 16.33 -11.15
N ILE D 276 0.34 17.19 -11.86
CA ILE D 276 -0.87 16.76 -12.56
C ILE D 276 -0.56 15.95 -13.81
N GLU D 277 0.69 15.99 -14.28
CA GLU D 277 1.08 15.18 -15.43
C GLU D 277 1.03 13.69 -15.15
N ASN D 278 0.99 13.30 -13.88
CA ASN D 278 0.93 11.89 -13.48
C ASN D 278 -0.49 11.45 -13.17
N VAL D 279 -1.46 11.96 -13.92
CA VAL D 279 -2.86 11.70 -13.61
C VAL D 279 -3.30 10.34 -14.14
N ASN D 280 -2.66 9.85 -15.21
CA ASN D 280 -3.07 8.58 -15.81
C ASN D 280 -2.56 7.37 -15.05
N GLN D 281 -1.69 7.57 -14.07
CA GLN D 281 -1.09 6.45 -13.33
C GLN D 281 -1.52 6.39 -11.88
N ILE D 282 -1.95 7.49 -11.29
CA ILE D 282 -2.39 7.47 -9.90
C ILE D 282 -3.87 7.12 -9.78
N PHE D 283 -4.69 7.52 -10.76
CA PHE D 283 -6.12 7.20 -10.67
C PHE D 283 -6.38 5.70 -10.75
N PRO D 284 -5.82 4.94 -11.71
CA PRO D 284 -6.03 3.49 -11.68
C PRO D 284 -5.53 2.82 -10.41
N ALA D 285 -4.41 3.29 -9.87
CA ALA D 285 -3.85 2.67 -8.68
C ALA D 285 -4.69 2.98 -7.44
N VAL D 286 -5.09 4.25 -7.28
CA VAL D 286 -5.88 4.63 -6.12
C VAL D 286 -7.28 4.02 -6.20
N ALA D 287 -7.88 4.01 -7.40
CA ALA D 287 -9.20 3.40 -7.56
C ALA D 287 -9.17 1.90 -7.29
N MET D 288 -8.02 1.26 -7.46
CA MET D 288 -7.90 -0.15 -7.13
C MET D 288 -7.99 -0.37 -5.63
N VAL D 289 -7.41 0.53 -4.84
CA VAL D 289 -7.50 0.41 -3.39
C VAL D 289 -8.85 0.84 -2.86
N ASP D 290 -9.60 1.64 -3.61
CA ASP D 290 -10.94 2.03 -3.19
C ASP D 290 -11.96 0.91 -3.41
N ILE D 291 -11.73 0.05 -4.40
CA ILE D 291 -12.52 -1.16 -4.51
C ILE D 291 -12.26 -2.07 -3.32
N MET D 292 -10.99 -2.20 -2.94
CA MET D 292 -10.62 -2.99 -1.77
C MET D 292 -11.15 -2.36 -0.49
N LEU D 293 -11.06 -1.03 -0.37
CA LEU D 293 -11.61 -0.36 0.80
C LEU D 293 -13.14 -0.30 0.74
N GLY D 294 -13.71 -0.33 -0.45
CA GLY D 294 -15.15 -0.31 -0.60
C GLY D 294 -15.83 -1.63 -0.41
N GLU D 295 -15.06 -2.70 -0.15
CA GLU D 295 -15.62 -4.01 0.14
C GLU D 295 -15.55 -4.35 1.62
N THR D 296 -14.45 -3.99 2.30
CA THR D 296 -14.42 -4.15 3.75
C THR D 296 -15.38 -3.19 4.43
N ALA D 297 -15.69 -2.07 3.79
CA ALA D 297 -16.69 -1.16 4.33
C ALA D 297 -18.06 -1.83 4.38
N LYS D 298 -18.39 -2.61 3.36
CA LYS D 298 -19.65 -3.33 3.32
C LYS D 298 -19.61 -4.62 4.13
N GLU D 299 -18.46 -4.98 4.70
CA GLU D 299 -18.32 -6.14 5.56
C GLU D 299 -18.14 -5.77 7.03
N LEU D 300 -17.40 -4.71 7.33
CA LEU D 300 -17.21 -4.29 8.71
C LEU D 300 -18.42 -3.57 9.27
N GLY D 301 -19.33 -3.10 8.42
CA GLY D 301 -20.53 -2.40 8.85
C GLY D 301 -20.60 -0.95 8.44
N VAL D 302 -19.57 -0.42 7.77
CA VAL D 302 -19.62 0.95 7.30
C VAL D 302 -20.72 1.09 6.24
N GLU D 303 -21.33 2.27 6.19
CA GLU D 303 -22.39 2.57 5.23
C GLU D 303 -21.84 3.49 4.16
N ILE D 304 -21.69 2.97 2.94
CA ILE D 304 -21.15 3.77 1.85
C ILE D 304 -22.15 4.86 1.50
N ALA D 305 -21.65 6.09 1.37
CA ALA D 305 -22.53 7.24 1.21
C ALA D 305 -23.34 7.15 -0.09
N ASP D 306 -22.70 6.78 -1.20
CA ASP D 306 -23.35 6.70 -2.50
C ASP D 306 -22.75 5.52 -3.26
N LEU D 307 -23.41 4.37 -3.18
CA LEU D 307 -22.87 3.16 -3.80
C LEU D 307 -22.85 3.26 -5.32
N GLU D 308 -23.81 3.97 -5.91
CA GLU D 308 -23.90 4.03 -7.37
C GLU D 308 -22.74 4.79 -8.02
N ASN D 309 -21.96 5.54 -7.24
CA ASN D 309 -20.84 6.30 -7.79
C ASN D 309 -19.52 5.97 -7.12
N HIS D 310 -19.49 4.98 -6.23
CA HIS D 310 -18.24 4.53 -5.65
C HIS D 310 -17.41 3.78 -6.70
N PRO D 311 -16.09 3.79 -6.57
CA PRO D 311 -15.27 2.95 -7.47
C PRO D 311 -15.54 1.46 -7.31
N VAL D 312 -16.12 1.03 -6.19
CA VAL D 312 -16.43 -0.38 -6.01
C VAL D 312 -17.54 -0.82 -6.95
N THR D 313 -18.39 0.09 -7.41
CA THR D 313 -19.49 -0.23 -8.30
C THR D 313 -19.33 0.34 -9.71
N LYS D 314 -18.82 1.56 -9.82
CA LYS D 314 -18.54 2.12 -11.15
C LYS D 314 -17.58 1.22 -11.92
N LEU D 315 -16.46 0.88 -11.30
CA LEU D 315 -15.51 -0.06 -11.89
C LEU D 315 -15.99 -1.48 -11.60
N THR D 316 -15.13 -2.47 -11.84
CA THR D 316 -15.48 -3.88 -11.67
C THR D 316 -16.74 -4.27 -12.42
#